data_2FD6
#
_entry.id   2FD6
#
_cell.length_a   51.792
_cell.length_b   86.805
_cell.length_c   124.690
_cell.angle_alpha   90.00
_cell.angle_beta   94.54
_cell.angle_gamma   90.00
#
_symmetry.space_group_name_H-M   'P 1 21 1'
#
loop_
_entity.id
_entity.type
_entity.pdbx_description
1 polymer 'Urokinase-type plasminogen activator'
2 polymer 'L chain of Fab of ATN-615 anti-uPAR antibody'
3 polymer 'H chain of Fab of ATN-615 anti-uPAR antibody'
4 polymer 'Urokinase plasminogen activator surface receptor'
5 branched alpha-L-fucopyranose-(1-6)-2-acetamido-2-deoxy-beta-D-glucopyranose
6 branched 2-acetamido-2-deoxy-beta-D-glucopyranose-(1-4)-2-acetamido-2-deoxy-beta-D-glucopyranose
7 non-polymer 'SULFATE ION'
8 non-polymer 2-ETHOXYETHANOL
9 non-polymer 1,2-ETHANEDIOL
10 non-polymer 'TRIETHYLENE GLYCOL'
11 non-polymer 2-acetamido-2-deoxy-alpha-D-glucopyranose
12 non-polymer 'TETRAETHYLENE GLYCOL'
13 water water
#
loop_
_entity_poly.entity_id
_entity_poly.type
_entity_poly.pdbx_seq_one_letter_code
_entity_poly.pdbx_strand_id
1 'polypeptide(L)'
;CDCLNGGTCVSNKYFSNIHWCNCPKKFGGQHCEIDKSKTCYEGNGHFYRGKASTDTMGRPCLPWNSATVLQQTYHAHRSD
ALQLGLGKHNYCRNPDNRRRPWCYVQVGLKPLVQECMVHDCA
;
A
2 'polypeptide(L)'
;DIVLTQSPDITAASLGQKVTITCSASSSVSYMHWYQQKSGTSPKPWIFEISKLASGVPARFSGSGSGTSYSLTISSMEAE
DAAIYYCQQWNYPFTFGGGTKLEIKRADAAPTVSIFPPSSEQLTSGGASVVCFLNNFYPKDINVKWKIDGSERQNGVLNS
WTDQDSKDSTYSMSSTLTLTKDEYERHNSYTCEATHKTSTSPIVKSFNRNEAKA
;
L
3 'polypeptide(L)'
;GVKLQQSGPEVVKPGASVKISCKASGYSFTNFYIHWVKQRPGQGLEWIGWIFHGSDNTEYNEKFKDKATLTADTSSSTAY
MQLSSLTSEDSAVYFCARWGPHWYFDVWGQGTTVTVSSAKTTPPSVYPLAPGNSMVTLGCLVKGYFPEPVTVTWNSGSLS
SGVHTFPAVLQSDLYTLSSSVTVPSSTWPSETVTCNVAHPASSTKVDKKIAAA
;
H
4 'polypeptide(L)'
;SLRCMQCKTNGDCRVEECALGQDLCRTTIVRLWEEGEELELVEKSCTHSEKTNRTLSYRTGLKITSLTEVVCGLDLCNQG
NSGRAVTYSRSRYLECISCGSSDMSCERGRHQSLQCRSPEEQCLDVVTHWIQEGEEGRPKDDRHLRGCGYLPGCPGSNGF
HNNDTFHFLKCCNTTKCNEGPILELENLPQNGRQCYSCKGNSTHGCSSEETFLIDCRGPMNQCLVATGTHEPKNQSYMVR
GCATASMCQHAHLGDAFSMNHIDVSCCTKSGCNHPD
;
U
#
# COMPACT_ATOMS: atom_id res chain seq x y z
N CYS A 1 -13.54 20.10 -31.90
CA CYS A 1 -13.25 18.87 -32.70
C CYS A 1 -13.58 19.10 -34.16
N ASP A 2 -12.56 19.10 -35.02
CA ASP A 2 -12.78 19.33 -36.45
C ASP A 2 -12.70 18.08 -37.32
N CYS A 3 -13.09 16.93 -36.77
CA CYS A 3 -13.08 15.68 -37.52
C CYS A 3 -14.32 15.54 -38.38
N LEU A 4 -14.24 14.75 -39.44
CA LEU A 4 -15.36 14.57 -40.35
C LEU A 4 -15.87 13.14 -40.34
N ASN A 5 -17.12 12.96 -40.79
CA ASN A 5 -17.75 11.63 -40.84
C ASN A 5 -17.86 11.05 -39.43
N GLY A 6 -17.36 9.82 -39.25
CA GLY A 6 -17.41 9.22 -37.93
C GLY A 6 -16.04 9.37 -37.29
N GLY A 7 -15.71 10.60 -36.89
CA GLY A 7 -14.40 10.84 -36.31
C GLY A 7 -14.33 11.22 -34.84
N THR A 8 -13.45 10.52 -34.13
CA THR A 8 -13.22 10.74 -32.71
C THR A 8 -11.90 11.49 -32.55
N CYS A 9 -11.96 12.69 -31.98
CA CYS A 9 -10.78 13.53 -31.79
C CYS A 9 -9.87 13.09 -30.66
N VAL A 10 -8.57 13.35 -30.83
CA VAL A 10 -7.57 13.01 -29.83
C VAL A 10 -6.36 13.92 -29.94
N SER A 11 -5.69 14.14 -28.82
CA SER A 11 -4.50 14.98 -28.80
C SER A 11 -3.58 14.51 -27.68
N ASN A 12 -2.44 15.17 -27.54
CA ASN A 12 -1.48 14.80 -26.51
C ASN A 12 -0.86 16.06 -25.88
N LYS A 13 -1.07 16.21 -24.57
CA LYS A 13 -0.57 17.35 -23.82
C LYS A 13 0.94 17.54 -23.88
N TYR A 14 1.67 16.46 -24.14
CA TYR A 14 3.12 16.52 -24.20
C TYR A 14 3.65 16.95 -25.56
N PHE A 15 2.81 16.86 -26.59
CA PHE A 15 3.23 17.22 -27.95
C PHE A 15 2.51 18.40 -28.59
N SER A 16 2.61 19.56 -27.95
CA SER A 16 1.99 20.78 -28.44
C SER A 16 0.49 20.62 -28.69
N ASN A 17 -0.07 19.53 -28.17
CA ASN A 17 -1.49 19.25 -28.31
C ASN A 17 -1.96 19.08 -29.76
N ILE A 18 -1.03 18.72 -30.64
CA ILE A 18 -1.38 18.49 -32.03
C ILE A 18 -2.54 17.48 -31.96
N HIS A 19 -3.52 17.61 -32.86
CA HIS A 19 -4.66 16.70 -32.83
C HIS A 19 -4.87 15.94 -34.13
N TRP A 20 -5.62 14.84 -34.02
CA TRP A 20 -5.96 14.00 -35.15
C TRP A 20 -7.24 13.26 -34.80
N CYS A 21 -7.62 12.24 -35.57
CA CYS A 21 -8.87 11.55 -35.30
C CYS A 21 -8.84 10.04 -35.46
N ASN A 22 -9.81 9.39 -34.83
CA ASN A 22 -9.99 7.95 -34.91
C ASN A 22 -11.14 7.82 -35.89
N CYS A 23 -10.88 7.20 -37.04
CA CYS A 23 -11.91 7.06 -38.08
C CYS A 23 -12.36 5.62 -38.30
N PRO A 24 -13.57 5.44 -38.85
CA PRO A 24 -14.02 4.07 -39.09
C PRO A 24 -13.05 3.45 -40.08
N LYS A 25 -13.13 2.14 -40.28
CA LYS A 25 -12.23 1.45 -41.20
C LYS A 25 -12.24 2.04 -42.63
N LYS A 26 -13.38 2.60 -43.03
CA LYS A 26 -13.50 3.13 -44.38
C LYS A 26 -13.16 4.62 -44.57
N PHE A 27 -12.57 5.25 -43.56
CA PHE A 27 -12.19 6.65 -43.66
C PHE A 27 -10.75 6.91 -43.22
N GLY A 28 -10.00 7.63 -44.05
CA GLY A 28 -8.61 7.93 -43.74
C GLY A 28 -8.33 9.42 -43.66
N GLY A 29 -7.08 9.77 -43.37
CA GLY A 29 -6.70 11.17 -43.27
C GLY A 29 -6.81 11.76 -41.87
N GLN A 30 -5.98 12.75 -41.56
CA GLN A 30 -5.99 13.38 -40.25
C GLN A 30 -7.38 13.69 -39.70
N HIS A 31 -8.32 14.03 -40.58
CA HIS A 31 -9.68 14.35 -40.14
C HIS A 31 -10.77 13.42 -40.65
N CYS A 32 -10.38 12.25 -41.14
CA CYS A 32 -11.36 11.29 -41.67
C CYS A 32 -12.04 11.92 -42.88
N GLU A 33 -11.29 12.75 -43.62
CA GLU A 33 -11.81 13.43 -44.80
C GLU A 33 -11.79 12.55 -46.04
N ILE A 34 -10.86 11.60 -46.09
CA ILE A 34 -10.74 10.71 -47.23
C ILE A 34 -11.68 9.50 -47.10
N ASP A 35 -12.45 9.24 -48.15
CA ASP A 35 -13.43 8.15 -48.19
C ASP A 35 -12.87 7.02 -49.09
N LYS A 36 -12.02 6.17 -48.53
CA LYS A 36 -11.40 5.08 -49.28
C LYS A 36 -12.33 4.01 -49.85
N SER A 37 -13.64 4.12 -49.59
CA SER A 37 -14.58 3.12 -50.11
C SER A 37 -15.28 3.55 -51.40
N LYS A 38 -15.88 4.74 -51.39
CA LYS A 38 -16.59 5.28 -52.55
C LYS A 38 -15.90 5.09 -53.89
N THR A 39 -16.61 4.43 -54.81
CA THR A 39 -16.13 4.16 -56.14
C THR A 39 -16.81 5.12 -57.13
N CYS A 40 -18.09 5.38 -56.89
CA CYS A 40 -18.87 6.28 -57.73
C CYS A 40 -19.15 7.56 -56.94
N TYR A 41 -19.65 8.58 -57.62
CA TYR A 41 -19.93 9.85 -56.97
C TYR A 41 -21.43 10.06 -56.77
N GLU A 42 -21.78 11.12 -56.05
CA GLU A 42 -23.19 11.44 -55.79
C GLU A 42 -23.90 11.77 -57.09
N GLY A 43 -24.70 12.83 -57.04
CA GLY A 43 -25.42 13.29 -58.22
C GLY A 43 -24.72 14.54 -58.72
N ASN A 44 -24.32 15.37 -57.77
CA ASN A 44 -23.61 16.62 -58.06
C ASN A 44 -22.11 16.38 -57.90
N GLY A 45 -21.77 15.50 -56.97
CA GLY A 45 -20.38 15.18 -56.72
C GLY A 45 -19.71 16.21 -55.83
N HIS A 46 -20.49 17.18 -55.36
CA HIS A 46 -19.99 18.25 -54.50
C HIS A 46 -19.39 17.68 -53.22
N PHE A 47 -20.14 16.79 -52.58
CA PHE A 47 -19.72 16.17 -51.33
C PHE A 47 -19.02 14.83 -51.55
N TYR A 48 -18.59 14.58 -52.78
CA TYR A 48 -17.91 13.34 -53.09
C TYR A 48 -16.47 13.34 -52.59
N ARG A 49 -16.10 12.28 -51.90
CA ARG A 49 -14.74 12.12 -51.39
C ARG A 49 -14.25 10.79 -51.95
N GLY A 50 -12.96 10.54 -51.93
CA GLY A 50 -12.49 9.28 -52.49
C GLY A 50 -11.47 9.53 -53.57
N LYS A 51 -10.80 8.48 -54.02
CA LYS A 51 -9.79 8.66 -55.06
C LYS A 51 -10.41 8.75 -56.46
N ALA A 52 -9.63 9.25 -57.40
CA ALA A 52 -10.04 9.40 -58.78
C ALA A 52 -9.01 10.27 -59.47
N SER A 53 -7.74 9.91 -59.31
CA SER A 53 -6.64 10.64 -59.91
C SER A 53 -6.79 10.82 -61.42
N THR A 54 -7.69 10.06 -62.03
CA THR A 54 -7.87 10.11 -63.48
C THR A 54 -8.95 11.03 -64.06
N ASP A 55 -8.69 11.43 -65.30
CA ASP A 55 -9.54 12.32 -66.07
C ASP A 55 -10.32 11.57 -67.15
N THR A 56 -11.35 12.21 -67.70
CA THR A 56 -12.20 11.62 -68.75
C THR A 56 -11.42 10.80 -69.76
N MET A 57 -10.28 11.32 -70.20
CA MET A 57 -9.46 10.59 -71.15
C MET A 57 -8.15 10.14 -70.51
N GLY A 58 -8.31 9.43 -69.39
CA GLY A 58 -7.17 8.91 -68.67
C GLY A 58 -6.05 9.90 -68.54
N ARG A 59 -6.18 10.81 -67.58
CA ARG A 59 -5.17 11.83 -67.38
C ARG A 59 -5.03 12.07 -65.87
N PRO A 60 -3.79 12.09 -65.37
CA PRO A 60 -3.53 12.32 -63.93
C PRO A 60 -3.89 13.72 -63.42
N CYS A 61 -4.70 13.76 -62.36
CA CYS A 61 -5.08 15.03 -61.75
C CYS A 61 -3.83 15.57 -61.07
N LEU A 62 -3.81 16.88 -60.80
CA LEU A 62 -2.67 17.50 -60.12
C LEU A 62 -2.98 17.53 -58.63
N PRO A 63 -1.94 17.38 -57.78
CA PRO A 63 -2.18 17.41 -56.34
C PRO A 63 -2.72 18.79 -55.93
N TRP A 64 -3.83 18.82 -55.22
CA TRP A 64 -4.40 20.09 -54.80
C TRP A 64 -3.41 20.94 -54.02
N ASN A 65 -2.23 20.38 -53.74
CA ASN A 65 -1.21 21.11 -53.00
C ASN A 65 0.07 21.28 -53.81
N SER A 66 0.01 20.98 -55.11
CA SER A 66 1.16 21.14 -55.98
C SER A 66 1.38 22.63 -56.17
N ALA A 67 2.64 23.02 -56.40
CA ALA A 67 2.97 24.43 -56.57
C ALA A 67 1.99 25.11 -57.52
N THR A 68 1.63 24.37 -58.57
CA THR A 68 0.72 24.83 -59.63
C THR A 68 -0.68 25.13 -59.12
N VAL A 69 -1.34 24.10 -58.58
CA VAL A 69 -2.69 24.26 -58.09
C VAL A 69 -2.77 25.24 -56.94
N LEU A 70 -1.66 25.45 -56.24
CA LEU A 70 -1.67 26.41 -55.14
C LEU A 70 -1.85 27.82 -55.68
N GLN A 71 -1.70 27.98 -56.99
CA GLN A 71 -1.87 29.29 -57.61
C GLN A 71 -3.21 29.41 -58.35
N GLN A 72 -4.02 28.35 -58.30
CA GLN A 72 -5.35 28.35 -58.93
C GLN A 72 -6.39 28.78 -57.91
N THR A 73 -7.66 28.77 -58.30
CA THR A 73 -8.74 29.17 -57.39
C THR A 73 -8.86 28.20 -56.21
N TYR A 74 -9.00 26.92 -56.51
CA TYR A 74 -9.14 25.92 -55.48
C TYR A 74 -7.86 25.12 -55.25
N HIS A 75 -7.39 25.14 -54.01
CA HIS A 75 -6.17 24.41 -53.64
C HIS A 75 -6.23 23.95 -52.18
N ALA A 76 -5.26 23.12 -51.81
CA ALA A 76 -5.18 22.55 -50.47
C ALA A 76 -5.04 23.57 -49.33
N HIS A 77 -4.42 24.70 -49.60
CA HIS A 77 -4.21 25.68 -48.55
C HIS A 77 -5.30 26.70 -48.26
N ARG A 78 -6.45 26.61 -48.93
CA ARG A 78 -7.48 27.60 -48.65
C ARG A 78 -8.18 27.34 -47.34
N SER A 79 -8.62 28.42 -46.68
CA SER A 79 -9.27 28.34 -45.39
C SER A 79 -10.39 27.31 -45.30
N ASP A 80 -11.01 27.00 -46.43
CA ASP A 80 -12.10 26.03 -46.44
C ASP A 80 -11.72 24.67 -47.05
N ALA A 81 -10.43 24.48 -47.29
CA ALA A 81 -9.92 23.25 -47.88
C ALA A 81 -10.48 21.97 -47.25
N LEU A 82 -10.73 22.01 -45.94
CA LEU A 82 -11.24 20.82 -45.26
C LEU A 82 -12.71 20.55 -45.56
N GLN A 83 -13.49 21.62 -45.74
CA GLN A 83 -14.90 21.47 -46.05
C GLN A 83 -15.09 21.02 -47.50
N LEU A 84 -14.18 21.42 -48.38
CA LEU A 84 -14.24 21.07 -49.79
C LEU A 84 -13.57 19.75 -50.10
N GLY A 85 -12.77 19.25 -49.17
CA GLY A 85 -12.08 18.00 -49.40
C GLY A 85 -10.84 18.19 -50.23
N LEU A 86 -10.27 19.39 -50.15
CA LEU A 86 -9.07 19.72 -50.89
C LEU A 86 -7.89 19.61 -49.94
N GLY A 87 -7.04 18.61 -50.16
CA GLY A 87 -5.88 18.40 -49.31
C GLY A 87 -4.70 17.85 -50.10
N LYS A 88 -3.72 17.30 -49.39
CA LYS A 88 -2.53 16.76 -50.04
C LYS A 88 -2.79 15.43 -50.75
N HIS A 89 -3.48 15.52 -51.88
CA HIS A 89 -3.83 14.38 -52.71
C HIS A 89 -4.36 14.96 -54.02
N ASN A 90 -4.67 14.09 -54.98
CA ASN A 90 -5.18 14.53 -56.28
C ASN A 90 -6.50 13.86 -56.62
N TYR A 91 -7.36 13.71 -55.61
CA TYR A 91 -8.65 13.08 -55.82
C TYR A 91 -9.68 14.08 -56.35
N CYS A 92 -10.51 13.61 -57.28
CA CYS A 92 -11.55 14.44 -57.88
C CYS A 92 -12.48 15.06 -56.86
N ARG A 93 -12.70 16.36 -56.97
CA ARG A 93 -13.58 17.06 -56.05
C ARG A 93 -14.39 18.07 -56.85
N ASN A 94 -15.45 18.60 -56.24
CA ASN A 94 -16.29 19.56 -56.93
C ASN A 94 -16.60 20.74 -56.00
N PRO A 95 -15.56 21.45 -55.55
CA PRO A 95 -15.70 22.61 -54.66
C PRO A 95 -16.72 23.62 -55.19
N ASP A 96 -16.62 23.92 -56.48
CA ASP A 96 -17.55 24.83 -57.14
C ASP A 96 -18.67 23.90 -57.62
N ASN A 97 -19.92 24.31 -57.44
CA ASN A 97 -21.03 23.46 -57.83
C ASN A 97 -21.20 23.24 -59.33
N ARG A 98 -20.57 22.19 -59.81
CA ARG A 98 -20.63 21.80 -61.21
C ARG A 98 -21.26 20.42 -61.15
N ARG A 99 -22.35 20.23 -61.91
CA ARG A 99 -23.06 18.95 -61.92
C ARG A 99 -22.18 17.72 -62.07
N ARG A 100 -20.87 17.91 -62.00
CA ARG A 100 -19.94 16.80 -62.16
C ARG A 100 -18.60 17.04 -61.47
N PRO A 101 -18.13 16.06 -60.67
CA PRO A 101 -16.84 16.21 -59.99
C PRO A 101 -15.69 16.30 -60.99
N TRP A 102 -14.72 17.15 -60.68
CA TRP A 102 -13.56 17.37 -61.54
C TRP A 102 -12.24 17.42 -60.79
N CYS A 103 -11.25 18.05 -61.42
CA CYS A 103 -9.91 18.23 -60.85
C CYS A 103 -9.04 18.99 -61.86
N TYR A 104 -7.92 19.54 -61.40
CA TYR A 104 -7.01 20.26 -62.29
C TYR A 104 -6.09 19.28 -62.99
N VAL A 105 -6.02 19.40 -64.31
CA VAL A 105 -5.17 18.51 -65.08
C VAL A 105 -4.17 19.37 -65.86
N GLN A 106 -2.91 18.97 -65.80
CA GLN A 106 -1.87 19.70 -66.50
C GLN A 106 -1.90 19.33 -67.97
N VAL A 107 -1.94 20.36 -68.83
CA VAL A 107 -1.93 20.13 -70.27
C VAL A 107 -0.92 21.09 -70.89
N GLY A 108 0.25 20.55 -71.21
CA GLY A 108 1.30 21.34 -71.81
C GLY A 108 1.90 22.33 -70.84
N LEU A 109 1.56 23.61 -70.98
CA LEU A 109 2.10 24.62 -70.09
C LEU A 109 1.14 25.07 -69.01
N LYS A 110 -0.17 24.96 -69.25
CA LYS A 110 -1.14 25.40 -68.26
C LYS A 110 -2.07 24.30 -67.76
N PRO A 111 -2.51 24.41 -66.50
CA PRO A 111 -3.42 23.44 -65.87
C PRO A 111 -4.86 23.84 -66.14
N LEU A 112 -5.69 22.90 -66.57
CA LEU A 112 -7.09 23.22 -66.85
C LEU A 112 -8.08 22.28 -66.16
N VAL A 113 -9.25 22.80 -65.82
CA VAL A 113 -10.26 21.98 -65.17
C VAL A 113 -10.82 20.93 -66.12
N GLN A 114 -10.63 19.65 -65.77
CA GLN A 114 -11.11 18.54 -66.57
C GLN A 114 -12.15 17.71 -65.83
N GLU A 115 -13.21 17.29 -66.53
CA GLU A 115 -14.25 16.49 -65.91
C GLU A 115 -13.63 15.18 -65.40
N CYS A 116 -14.18 14.65 -64.30
CA CYS A 116 -13.63 13.43 -63.71
C CYS A 116 -14.09 12.12 -64.33
N MET A 117 -13.26 11.10 -64.13
CA MET A 117 -13.49 9.74 -64.62
C MET A 117 -14.64 9.07 -63.86
N VAL A 118 -14.65 9.25 -62.54
CA VAL A 118 -15.68 8.67 -61.66
C VAL A 118 -17.09 8.69 -62.23
N HIS A 119 -17.74 7.53 -62.23
CA HIS A 119 -19.10 7.40 -62.75
C HIS A 119 -20.15 7.76 -61.70
N ASP A 120 -21.37 7.99 -62.15
CA ASP A 120 -22.47 8.34 -61.26
C ASP A 120 -23.01 7.05 -60.64
N CYS A 121 -23.42 7.13 -59.38
CA CYS A 121 -23.96 5.97 -58.67
C CYS A 121 -25.38 5.64 -59.15
N ALA A 122 -25.71 6.07 -60.36
CA ALA A 122 -27.03 5.82 -60.95
C ALA A 122 -26.84 5.26 -62.36
N ASP B 1 -14.71 8.32 12.58
CA ASP B 1 -13.57 7.37 12.43
C ASP B 1 -14.08 5.95 12.14
N ILE B 2 -13.92 5.51 10.89
CA ILE B 2 -14.37 4.18 10.50
C ILE B 2 -14.03 3.14 11.56
N VAL B 3 -15.05 2.56 12.18
CA VAL B 3 -14.85 1.54 13.22
C VAL B 3 -14.88 0.14 12.61
N LEU B 4 -13.90 -0.67 12.98
CA LEU B 4 -13.85 -2.02 12.47
C LEU B 4 -14.20 -2.99 13.57
N THR B 5 -15.21 -3.80 13.33
CA THR B 5 -15.64 -4.78 14.32
C THR B 5 -15.44 -6.17 13.78
N GLN B 6 -14.65 -6.94 14.51
CA GLN B 6 -14.34 -8.31 14.15
C GLN B 6 -15.21 -9.25 14.93
N SER B 7 -15.64 -10.32 14.25
CA SER B 7 -16.46 -11.33 14.88
C SER B 7 -16.25 -12.64 14.13
N PRO B 8 -16.27 -13.76 14.85
CA PRO B 8 -16.48 -13.80 16.30
C PRO B 8 -15.33 -13.21 17.09
N ASP B 9 -15.55 -13.07 18.39
CA ASP B 9 -14.56 -12.53 19.30
C ASP B 9 -13.48 -13.60 19.45
N ILE B 10 -13.90 -14.76 19.92
CA ILE B 10 -13.01 -15.90 20.10
C ILE B 10 -13.84 -17.13 19.79
N THR B 11 -13.26 -18.04 19.01
CA THR B 11 -13.96 -19.26 18.65
C THR B 11 -13.04 -20.46 18.63
N ALA B 12 -13.62 -21.59 18.98
CA ALA B 12 -12.92 -22.87 18.98
C ALA B 12 -13.51 -23.63 17.79
N ALA B 13 -12.63 -24.08 16.90
CA ALA B 13 -13.06 -24.80 15.73
C ALA B 13 -12.44 -26.17 15.78
N SER B 14 -13.23 -27.20 15.50
CA SER B 14 -12.73 -28.56 15.50
C SER B 14 -11.95 -28.72 14.21
N LEU B 15 -10.90 -29.55 14.25
CA LEU B 15 -10.09 -29.78 13.05
C LEU B 15 -11.00 -30.18 11.88
N GLY B 16 -10.72 -29.65 10.70
CA GLY B 16 -11.52 -29.97 9.54
C GLY B 16 -12.79 -29.14 9.44
N GLN B 17 -13.08 -28.34 10.47
CA GLN B 17 -14.27 -27.50 10.50
C GLN B 17 -14.09 -26.22 9.69
N LYS B 18 -15.18 -25.72 9.12
CA LYS B 18 -15.16 -24.50 8.32
C LYS B 18 -15.25 -23.30 9.26
N VAL B 19 -14.34 -22.36 9.10
CA VAL B 19 -14.35 -21.17 9.94
C VAL B 19 -14.52 -19.93 9.10
N THR B 20 -15.36 -19.01 9.55
CA THR B 20 -15.54 -17.77 8.83
C THR B 20 -15.53 -16.60 9.80
N ILE B 21 -14.49 -15.77 9.66
CA ILE B 21 -14.32 -14.59 10.48
C ILE B 21 -14.78 -13.42 9.65
N THR B 22 -15.49 -12.50 10.28
CA THR B 22 -15.95 -11.33 9.54
C THR B 22 -15.50 -10.05 10.21
N CYS B 23 -15.35 -9.03 9.39
CA CYS B 23 -14.91 -7.72 9.84
C CYS B 23 -16.00 -6.77 9.34
N SER B 24 -16.65 -6.10 10.28
CA SER B 24 -17.71 -5.15 9.93
C SER B 24 -17.15 -3.73 10.02
N ALA B 25 -17.32 -2.96 8.95
CA ALA B 25 -16.81 -1.58 8.91
C ALA B 25 -17.88 -0.51 9.16
N SER B 26 -17.50 0.50 9.92
CA SER B 26 -18.40 1.61 10.23
C SER B 26 -18.80 2.33 8.93
N SER B 27 -17.93 2.28 7.93
CA SER B 27 -18.15 2.90 6.64
C SER B 27 -17.39 2.11 5.58
N SER B 28 -17.71 2.35 4.32
CA SER B 28 -17.06 1.64 3.23
C SER B 28 -15.55 1.85 3.16
N VAL B 29 -14.83 0.81 2.76
CA VAL B 29 -13.39 0.88 2.58
C VAL B 29 -13.17 0.06 1.31
N SER B 30 -12.35 0.57 0.41
CA SER B 30 -12.08 -0.11 -0.86
C SER B 30 -11.39 -1.45 -0.70
N TYR B 31 -10.43 -1.53 0.21
CA TYR B 31 -9.73 -2.79 0.42
C TYR B 31 -9.53 -3.09 1.90
N MET B 32 -9.48 -4.37 2.20
CA MET B 32 -9.30 -4.84 3.56
C MET B 32 -8.21 -5.90 3.53
N HIS B 33 -7.36 -5.91 4.56
CA HIS B 33 -6.27 -6.87 4.66
C HIS B 33 -6.47 -7.72 5.91
N TRP B 34 -5.80 -8.85 5.97
CA TRP B 34 -5.89 -9.72 7.13
C TRP B 34 -4.47 -10.14 7.53
N TYR B 35 -4.17 -10.05 8.82
CA TYR B 35 -2.83 -10.44 9.32
C TYR B 35 -3.03 -11.54 10.34
N GLN B 36 -2.05 -12.45 10.42
CA GLN B 36 -2.10 -13.54 11.39
C GLN B 36 -1.01 -13.36 12.44
N GLN B 37 -1.37 -13.42 13.70
CA GLN B 37 -0.36 -13.27 14.74
C GLN B 37 -0.38 -14.41 15.74
N LYS B 38 0.82 -14.91 16.07
CA LYS B 38 0.95 -16.00 17.03
C LYS B 38 1.90 -15.59 18.15
N SER B 39 1.56 -15.94 19.37
CA SER B 39 2.41 -15.65 20.52
C SER B 39 2.97 -14.23 20.55
N GLY B 40 2.12 -13.26 20.26
CA GLY B 40 2.51 -11.87 20.28
C GLY B 40 3.68 -11.43 19.41
N THR B 41 4.19 -12.31 18.55
CA THR B 41 5.31 -11.95 17.66
C THR B 41 4.77 -11.12 16.50
N SER B 42 5.65 -10.74 15.57
CA SER B 42 5.21 -9.90 14.46
C SER B 42 4.02 -10.43 13.69
N PRO B 43 2.99 -9.59 13.51
CA PRO B 43 1.82 -10.05 12.75
C PRO B 43 2.34 -10.37 11.35
N LYS B 44 1.81 -11.42 10.74
CA LYS B 44 2.26 -11.79 9.40
C LYS B 44 1.16 -11.47 8.40
N PRO B 45 1.51 -10.77 7.31
CA PRO B 45 0.49 -10.45 6.30
C PRO B 45 -0.07 -11.81 5.88
N TRP B 46 -1.39 -11.95 5.86
CA TRP B 46 -2.02 -13.23 5.51
C TRP B 46 -2.80 -13.16 4.20
N ILE B 47 -3.72 -12.21 4.13
CA ILE B 47 -4.55 -11.96 2.95
C ILE B 47 -4.57 -10.45 2.74
N PHE B 48 -4.16 -9.99 1.56
CA PHE B 48 -4.16 -8.56 1.27
C PHE B 48 -5.01 -8.24 0.04
N GLU B 49 -5.40 -6.97 -0.09
CA GLU B 49 -6.25 -6.53 -1.20
C GLU B 49 -7.45 -7.45 -1.30
N ILE B 50 -8.10 -7.59 -0.16
CA ILE B 50 -9.30 -8.40 0.06
C ILE B 50 -9.16 -9.91 -0.10
N SER B 51 -8.52 -10.37 -1.18
CA SER B 51 -8.44 -11.80 -1.39
C SER B 51 -7.13 -12.39 -1.87
N LYS B 52 -6.07 -11.60 -1.95
CA LYS B 52 -4.81 -12.16 -2.39
C LYS B 52 -4.07 -12.79 -1.20
N LEU B 53 -3.58 -14.00 -1.36
CA LEU B 53 -2.85 -14.67 -0.29
C LEU B 53 -1.38 -14.31 -0.30
N ALA B 54 -0.82 -14.08 0.88
CA ALA B 54 0.60 -13.76 1.00
C ALA B 54 1.38 -15.02 0.67
N SER B 55 2.64 -14.85 0.30
CA SER B 55 3.48 -15.99 -0.05
C SER B 55 3.52 -17.00 1.10
N GLY B 56 3.21 -18.26 0.81
CA GLY B 56 3.24 -19.28 1.84
C GLY B 56 1.91 -19.60 2.49
N VAL B 57 0.91 -18.73 2.33
CA VAL B 57 -0.41 -18.97 2.93
C VAL B 57 -1.10 -20.14 2.20
N PRO B 58 -1.52 -21.18 2.94
CA PRO B 58 -2.19 -22.36 2.39
C PRO B 58 -3.47 -22.03 1.64
N ALA B 59 -3.80 -22.88 0.66
CA ALA B 59 -5.00 -22.70 -0.16
C ALA B 59 -6.32 -22.77 0.61
N ARG B 60 -6.32 -23.37 1.80
CA ARG B 60 -7.56 -23.47 2.59
C ARG B 60 -8.04 -22.11 3.05
N PHE B 61 -7.17 -21.11 2.92
CA PHE B 61 -7.50 -19.75 3.30
C PHE B 61 -7.99 -18.95 2.11
N SER B 62 -9.00 -18.14 2.34
CA SER B 62 -9.53 -17.30 1.30
C SER B 62 -10.21 -16.13 1.98
N GLY B 63 -10.26 -15.00 1.28
CA GLY B 63 -10.90 -13.83 1.85
C GLY B 63 -11.83 -13.23 0.83
N SER B 64 -12.85 -12.53 1.31
CA SER B 64 -13.80 -11.91 0.40
C SER B 64 -14.52 -10.77 1.11
N GLY B 65 -15.22 -9.96 0.32
CA GLY B 65 -15.95 -8.85 0.90
C GLY B 65 -15.95 -7.63 0.00
N SER B 66 -16.70 -6.62 0.42
CA SER B 66 -16.79 -5.36 -0.31
C SER B 66 -17.38 -4.36 0.65
N GLY B 67 -17.26 -3.09 0.30
CA GLY B 67 -17.80 -2.02 1.12
C GLY B 67 -17.66 -2.12 2.63
N THR B 68 -18.75 -2.48 3.30
CA THR B 68 -18.76 -2.56 4.76
C THR B 68 -18.56 -3.93 5.39
N SER B 69 -18.53 -4.97 4.58
CA SER B 69 -18.33 -6.29 5.13
C SER B 69 -17.30 -7.10 4.37
N TYR B 70 -16.40 -7.70 5.15
CA TYR B 70 -15.32 -8.52 4.63
C TYR B 70 -15.21 -9.74 5.54
N SER B 71 -14.64 -10.82 5.01
CA SER B 71 -14.50 -12.02 5.80
C SER B 71 -13.33 -12.85 5.34
N LEU B 72 -12.71 -13.52 6.30
CA LEU B 72 -11.61 -14.40 6.01
C LEU B 72 -12.23 -15.74 6.31
N THR B 73 -11.95 -16.71 5.47
CA THR B 73 -12.53 -18.03 5.67
C THR B 73 -11.46 -19.09 5.52
N ILE B 74 -11.56 -20.11 6.34
CA ILE B 74 -10.65 -21.23 6.25
C ILE B 74 -11.58 -22.42 6.04
N SER B 75 -11.55 -22.99 4.84
CA SER B 75 -12.43 -24.10 4.50
C SER B 75 -12.29 -25.29 5.45
N SER B 76 -11.06 -25.66 5.78
CA SER B 76 -10.86 -26.78 6.68
C SER B 76 -9.85 -26.45 7.75
N MET B 77 -10.35 -26.19 8.95
CA MET B 77 -9.52 -25.85 10.11
C MET B 77 -8.40 -26.84 10.45
N GLU B 78 -7.16 -26.36 10.49
CA GLU B 78 -6.03 -27.20 10.84
C GLU B 78 -5.36 -26.64 12.10
N ALA B 79 -4.53 -27.45 12.75
CA ALA B 79 -3.88 -27.05 13.99
C ALA B 79 -3.07 -25.76 13.92
N GLU B 80 -2.20 -25.65 12.91
CA GLU B 80 -1.35 -24.48 12.75
C GLU B 80 -2.12 -23.20 12.44
N ASP B 81 -3.43 -23.31 12.24
CA ASP B 81 -4.23 -22.14 11.93
C ASP B 81 -4.69 -21.44 13.21
N ALA B 82 -4.39 -22.04 14.36
CA ALA B 82 -4.77 -21.43 15.64
C ALA B 82 -3.88 -20.20 15.82
N ALA B 83 -4.50 -19.04 15.98
CA ALA B 83 -3.79 -17.77 16.13
C ALA B 83 -4.80 -16.65 16.27
N ILE B 84 -4.31 -15.41 16.26
CA ILE B 84 -5.18 -14.26 16.34
C ILE B 84 -5.12 -13.66 14.93
N TYR B 85 -6.29 -13.36 14.39
CA TYR B 85 -6.40 -12.79 13.06
C TYR B 85 -6.92 -11.39 13.22
N TYR B 86 -6.27 -10.45 12.52
CA TYR B 86 -6.67 -9.04 12.57
C TYR B 86 -6.96 -8.55 11.17
N CYS B 87 -8.08 -7.86 11.01
CA CYS B 87 -8.37 -7.28 9.71
C CYS B 87 -7.86 -5.85 9.82
N GLN B 88 -7.63 -5.19 8.69
CA GLN B 88 -7.16 -3.82 8.73
C GLN B 88 -7.55 -3.09 7.46
N GLN B 89 -8.04 -1.86 7.61
CA GLN B 89 -8.38 -1.07 6.45
C GLN B 89 -7.05 -0.72 5.76
N TRP B 90 -7.09 -0.67 4.44
CA TRP B 90 -5.91 -0.40 3.64
C TRP B 90 -5.44 1.06 3.68
N ASN B 91 -6.36 1.96 4.02
CA ASN B 91 -6.08 3.40 4.02
C ASN B 91 -5.89 4.13 5.35
N TYR B 92 -5.46 5.39 5.22
CA TYR B 92 -5.12 6.31 6.31
C TYR B 92 -5.29 6.04 7.80
N PRO B 93 -6.50 5.73 8.28
CA PRO B 93 -6.30 5.52 9.73
C PRO B 93 -5.53 4.23 10.04
N PHE B 94 -5.54 3.32 9.08
CA PHE B 94 -4.86 2.02 9.18
C PHE B 94 -5.32 1.27 10.42
N THR B 95 -6.57 1.51 10.81
CA THR B 95 -7.16 0.87 11.98
C THR B 95 -7.23 -0.64 11.83
N PHE B 96 -6.90 -1.35 12.89
CA PHE B 96 -6.96 -2.82 12.92
C PHE B 96 -8.24 -3.21 13.65
N GLY B 97 -8.83 -4.33 13.25
CA GLY B 97 -10.03 -4.81 13.92
C GLY B 97 -9.61 -5.26 15.30
N GLY B 98 -10.58 -5.51 16.18
CA GLY B 98 -10.26 -5.97 17.52
C GLY B 98 -9.54 -7.31 17.57
N GLY B 99 -9.57 -8.04 16.46
CA GLY B 99 -8.90 -9.31 16.42
C GLY B 99 -9.81 -10.47 16.79
N THR B 100 -9.53 -11.63 16.19
CA THR B 100 -10.30 -12.84 16.46
C THR B 100 -9.33 -13.93 16.91
N LYS B 101 -9.56 -14.48 18.08
CA LYS B 101 -8.69 -15.56 18.57
C LYS B 101 -9.28 -16.89 18.12
N LEU B 102 -8.54 -17.58 17.26
CA LEU B 102 -8.99 -18.86 16.77
C LEU B 102 -8.25 -19.95 17.48
N GLU B 103 -9.01 -20.82 18.16
CA GLU B 103 -8.41 -21.93 18.88
C GLU B 103 -9.00 -23.24 18.43
N ILE B 104 -8.31 -24.32 18.77
CA ILE B 104 -8.74 -25.66 18.40
C ILE B 104 -9.74 -26.22 19.39
N LYS B 105 -10.93 -26.58 18.90
CA LYS B 105 -11.93 -27.19 19.77
C LYS B 105 -11.50 -28.63 19.96
N ARG B 106 -11.79 -29.16 21.14
CA ARG B 106 -11.37 -30.50 21.46
C ARG B 106 -12.35 -31.01 22.49
N ALA B 107 -12.23 -32.27 22.86
CA ALA B 107 -13.13 -32.86 23.85
C ALA B 107 -12.83 -32.29 25.23
N ASP B 108 -13.89 -32.09 26.01
CA ASP B 108 -13.74 -31.57 27.36
C ASP B 108 -12.76 -32.45 28.16
N ALA B 109 -11.99 -31.81 29.02
CA ALA B 109 -11.01 -32.49 29.88
C ALA B 109 -11.02 -31.80 31.23
N ALA B 110 -11.14 -32.60 32.29
CA ALA B 110 -11.18 -32.07 33.64
C ALA B 110 -9.75 -31.72 34.02
N PRO B 111 -9.58 -30.68 34.84
CA PRO B 111 -8.23 -30.32 35.24
C PRO B 111 -7.62 -31.27 36.26
N THR B 112 -6.30 -31.40 36.23
CA THR B 112 -5.58 -32.21 37.20
C THR B 112 -5.09 -31.15 38.19
N VAL B 113 -5.68 -31.13 39.38
CA VAL B 113 -5.35 -30.16 40.42
C VAL B 113 -4.28 -30.63 41.41
N SER B 114 -3.32 -29.75 41.70
CA SER B 114 -2.23 -30.05 42.63
C SER B 114 -1.97 -28.84 43.50
N ILE B 115 -1.92 -29.04 44.82
CA ILE B 115 -1.67 -27.93 45.72
C ILE B 115 -0.30 -28.11 46.41
N PHE B 116 0.40 -27.01 46.64
CA PHE B 116 1.74 -27.05 47.26
C PHE B 116 1.90 -26.02 48.37
N PRO B 117 2.44 -26.44 49.52
CA PRO B 117 2.64 -25.56 50.66
C PRO B 117 3.87 -24.67 50.43
N PRO B 118 4.07 -23.65 51.30
CA PRO B 118 5.22 -22.75 51.19
C PRO B 118 6.44 -23.61 51.43
N SER B 119 7.52 -23.38 50.70
CA SER B 119 8.75 -24.16 50.91
C SER B 119 9.49 -23.73 52.18
N SER B 120 10.42 -24.56 52.62
CA SER B 120 11.20 -24.23 53.81
C SER B 120 12.00 -22.97 53.52
N GLU B 121 12.56 -22.91 52.30
CA GLU B 121 13.38 -21.77 51.90
C GLU B 121 12.61 -20.48 51.96
N GLN B 122 11.40 -20.46 51.42
CA GLN B 122 10.61 -19.24 51.42
C GLN B 122 10.20 -18.84 52.83
N LEU B 123 9.81 -19.83 53.64
CA LEU B 123 9.39 -19.54 54.99
C LEU B 123 10.54 -18.97 55.82
N THR B 124 11.75 -19.49 55.64
CA THR B 124 12.88 -18.97 56.40
C THR B 124 13.16 -17.55 55.91
N SER B 125 12.63 -17.23 54.72
CA SER B 125 12.80 -15.90 54.12
C SER B 125 11.76 -14.94 54.72
N GLY B 126 10.82 -15.51 55.45
CA GLY B 126 9.79 -14.72 56.08
C GLY B 126 8.53 -14.54 55.25
N GLY B 127 8.42 -15.26 54.14
CA GLY B 127 7.23 -15.14 53.31
C GLY B 127 6.52 -16.48 53.19
N ALA B 128 5.36 -16.49 52.55
CA ALA B 128 4.64 -17.75 52.40
C ALA B 128 3.69 -17.69 51.20
N SER B 129 3.94 -18.56 50.22
CA SER B 129 3.10 -18.63 49.03
C SER B 129 2.60 -20.05 48.89
N VAL B 130 1.30 -20.18 48.65
CA VAL B 130 0.72 -21.49 48.48
C VAL B 130 0.39 -21.56 46.99
N VAL B 131 0.88 -22.59 46.33
CA VAL B 131 0.67 -22.72 44.89
C VAL B 131 -0.28 -23.85 44.51
N CYS B 132 -1.07 -23.59 43.49
CA CYS B 132 -2.02 -24.57 43.00
C CYS B 132 -1.98 -24.63 41.47
N PHE B 133 -1.80 -25.83 40.94
CA PHE B 133 -1.78 -26.02 39.50
C PHE B 133 -3.05 -26.73 39.10
N LEU B 134 -3.65 -26.27 38.01
CA LEU B 134 -4.86 -26.88 37.46
C LEU B 134 -4.41 -27.09 36.02
N ASN B 135 -3.92 -28.28 35.73
CA ASN B 135 -3.40 -28.55 34.41
C ASN B 135 -4.24 -29.39 33.44
N ASN B 136 -3.93 -29.18 32.16
CA ASN B 136 -4.52 -29.89 31.05
C ASN B 136 -6.02 -30.07 31.08
N PHE B 137 -6.75 -28.96 30.98
CA PHE B 137 -8.20 -29.02 30.97
C PHE B 137 -8.74 -28.33 29.72
N TYR B 138 -9.97 -28.65 29.35
CA TYR B 138 -10.63 -28.04 28.20
C TYR B 138 -12.13 -28.13 28.45
N PRO B 139 -12.89 -27.05 28.17
CA PRO B 139 -12.53 -25.73 27.65
C PRO B 139 -11.72 -24.83 28.59
N LYS B 140 -11.41 -23.62 28.13
CA LYS B 140 -10.60 -22.69 28.90
C LYS B 140 -11.25 -22.10 30.14
N ASP B 141 -12.57 -21.93 30.13
CA ASP B 141 -13.28 -21.37 31.27
C ASP B 141 -13.08 -22.22 32.52
N ILE B 142 -12.63 -21.58 33.60
CA ILE B 142 -12.41 -22.32 34.84
C ILE B 142 -12.38 -21.34 36.00
N ASN B 143 -12.90 -21.76 37.14
CA ASN B 143 -12.92 -20.92 38.33
C ASN B 143 -12.10 -21.53 39.47
N VAL B 144 -11.20 -20.75 40.05
CA VAL B 144 -10.39 -21.23 41.16
C VAL B 144 -10.74 -20.41 42.40
N LYS B 145 -11.06 -21.10 43.48
CA LYS B 145 -11.43 -20.46 44.73
C LYS B 145 -10.54 -20.99 45.83
N TRP B 146 -9.93 -20.09 46.60
CA TRP B 146 -9.08 -20.49 47.70
C TRP B 146 -9.84 -20.41 49.02
N LYS B 147 -9.52 -21.30 49.93
CA LYS B 147 -10.12 -21.32 51.25
C LYS B 147 -9.06 -21.60 52.31
N ILE B 148 -9.06 -20.81 53.38
CA ILE B 148 -8.12 -21.02 54.48
C ILE B 148 -9.00 -21.44 55.64
N ASP B 149 -8.71 -22.59 56.22
CA ASP B 149 -9.52 -23.12 57.32
C ASP B 149 -11.00 -23.02 56.95
N GLY B 150 -11.31 -23.31 55.69
CA GLY B 150 -12.69 -23.28 55.22
C GLY B 150 -13.30 -21.95 54.77
N SER B 151 -12.65 -20.83 55.03
CA SER B 151 -13.20 -19.55 54.60
C SER B 151 -12.54 -19.04 53.33
N GLU B 152 -13.35 -18.63 52.36
CA GLU B 152 -12.81 -18.14 51.09
C GLU B 152 -11.88 -16.94 51.22
N ARG B 153 -10.76 -17.03 50.49
CA ARG B 153 -9.75 -16.00 50.50
C ARG B 153 -9.53 -15.49 49.08
N GLN B 154 -9.83 -14.22 48.85
CA GLN B 154 -9.66 -13.68 47.52
C GLN B 154 -8.50 -12.71 47.36
N ASN B 155 -8.12 -12.04 48.45
CA ASN B 155 -7.00 -11.11 48.37
C ASN B 155 -5.67 -11.87 48.43
N GLY B 156 -4.67 -11.38 47.71
CA GLY B 156 -3.37 -12.03 47.71
C GLY B 156 -3.24 -13.17 46.71
N VAL B 157 -4.26 -13.36 45.88
CA VAL B 157 -4.26 -14.42 44.87
C VAL B 157 -3.88 -13.92 43.48
N LEU B 158 -2.89 -14.56 42.85
CA LEU B 158 -2.47 -14.19 41.50
C LEU B 158 -2.55 -15.43 40.62
N ASN B 159 -3.14 -15.27 39.45
CA ASN B 159 -3.33 -16.36 38.48
C ASN B 159 -2.58 -16.14 37.17
N SER B 160 -2.24 -17.24 36.51
CA SER B 160 -1.54 -17.21 35.25
C SER B 160 -2.04 -18.39 34.40
N TRP B 161 -2.25 -18.17 33.11
CA TRP B 161 -2.73 -19.22 32.21
C TRP B 161 -1.74 -19.48 31.10
N THR B 162 -1.71 -20.71 30.60
CA THR B 162 -0.82 -21.03 29.48
C THR B 162 -1.70 -20.94 28.23
N ASP B 163 -1.09 -20.91 27.06
CA ASP B 163 -1.85 -20.86 25.81
C ASP B 163 -2.19 -22.32 25.48
N GLN B 164 -3.07 -22.54 24.52
CA GLN B 164 -3.42 -23.90 24.16
C GLN B 164 -2.17 -24.73 23.97
N ASP B 165 -2.18 -25.92 24.55
CA ASP B 165 -1.04 -26.80 24.44
C ASP B 165 -0.87 -27.28 23.01
N SER B 166 0.38 -27.34 22.57
CA SER B 166 0.73 -27.79 21.23
C SER B 166 0.33 -29.22 20.97
N LYS B 167 0.66 -30.10 21.90
CA LYS B 167 0.33 -31.51 21.75
C LYS B 167 -1.13 -31.91 21.96
N ASP B 168 -1.72 -31.53 23.09
CA ASP B 168 -3.11 -31.94 23.36
C ASP B 168 -4.22 -30.90 23.34
N SER B 169 -3.93 -29.69 22.90
CA SER B 169 -4.96 -28.65 22.84
C SER B 169 -5.67 -28.29 24.15
N THR B 170 -5.05 -28.57 25.30
CA THR B 170 -5.66 -28.22 26.57
C THR B 170 -5.03 -26.94 27.12
N TYR B 171 -5.59 -26.44 28.21
CA TYR B 171 -5.10 -25.23 28.87
C TYR B 171 -4.64 -25.63 30.26
N SER B 172 -3.75 -24.84 30.83
CA SER B 172 -3.25 -25.08 32.17
C SER B 172 -3.30 -23.76 32.91
N MET B 173 -3.45 -23.82 34.22
CA MET B 173 -3.51 -22.60 35.01
C MET B 173 -2.80 -22.78 36.34
N SER B 174 -2.23 -21.69 36.81
CA SER B 174 -1.51 -21.68 38.07
C SER B 174 -2.08 -20.56 38.91
N SER B 175 -2.39 -20.87 40.16
CA SER B 175 -2.93 -19.87 41.08
C SER B 175 -2.03 -19.83 42.31
N THR B 176 -1.61 -18.64 42.72
CA THR B 176 -0.77 -18.56 43.90
C THR B 176 -1.36 -17.66 44.95
N LEU B 177 -1.52 -18.20 46.15
CA LEU B 177 -2.03 -17.42 47.26
C LEU B 177 -0.82 -17.03 48.10
N THR B 178 -0.58 -15.73 48.22
CA THR B 178 0.56 -15.27 49.01
C THR B 178 0.03 -14.60 50.26
N LEU B 179 0.63 -14.94 51.41
CA LEU B 179 0.22 -14.36 52.68
C LEU B 179 1.48 -14.22 53.52
N THR B 180 1.37 -13.53 54.65
CA THR B 180 2.53 -13.37 55.53
C THR B 180 2.80 -14.70 56.18
N LYS B 181 4.06 -14.95 56.54
CA LYS B 181 4.44 -16.19 57.20
C LYS B 181 3.65 -16.37 58.51
N ASP B 182 3.37 -15.27 59.20
CA ASP B 182 2.63 -15.37 60.45
C ASP B 182 1.18 -15.76 60.20
N GLU B 183 0.52 -15.17 59.20
CA GLU B 183 -0.85 -15.57 58.94
C GLU B 183 -0.89 -17.02 58.51
N TYR B 184 0.12 -17.42 57.74
CA TYR B 184 0.21 -18.81 57.30
C TYR B 184 0.33 -19.74 58.50
N GLU B 185 1.14 -19.35 59.48
CA GLU B 185 1.37 -20.14 60.69
C GLU B 185 0.16 -20.18 61.63
N ARG B 186 -0.73 -19.21 61.48
CA ARG B 186 -1.94 -19.12 62.31
C ARG B 186 -3.13 -19.91 61.77
N HIS B 187 -2.97 -20.51 60.59
CA HIS B 187 -4.04 -21.28 59.99
C HIS B 187 -3.55 -22.67 59.60
N ASN B 188 -4.46 -23.62 59.56
CA ASN B 188 -4.08 -24.99 59.25
C ASN B 188 -4.48 -25.58 57.89
N SER B 189 -5.75 -25.46 57.55
CA SER B 189 -6.29 -26.02 56.33
C SER B 189 -6.19 -25.10 55.12
N TYR B 190 -5.46 -25.51 54.10
CA TYR B 190 -5.32 -24.70 52.87
C TYR B 190 -5.95 -25.44 51.68
N THR B 191 -6.96 -24.83 51.08
CA THR B 191 -7.67 -25.45 49.98
C THR B 191 -7.75 -24.66 48.68
N CYS B 192 -7.62 -25.41 47.59
CA CYS B 192 -7.69 -24.92 46.23
C CYS B 192 -8.95 -25.61 45.68
N GLU B 193 -9.92 -24.84 45.24
CA GLU B 193 -11.19 -25.38 44.75
C GLU B 193 -11.44 -24.92 43.30
N ALA B 194 -11.44 -25.87 42.36
CA ALA B 194 -11.64 -25.57 40.93
C ALA B 194 -13.00 -25.97 40.37
N THR B 195 -13.68 -25.04 39.70
CA THR B 195 -14.98 -25.33 39.08
C THR B 195 -14.82 -25.32 37.56
N HIS B 196 -15.22 -26.42 36.92
CA HIS B 196 -15.10 -26.58 35.48
C HIS B 196 -16.38 -27.28 34.98
N LYS B 197 -16.77 -27.00 33.75
CA LYS B 197 -17.98 -27.60 33.18
C LYS B 197 -17.94 -29.12 33.20
N THR B 198 -16.75 -29.71 33.30
CA THR B 198 -16.61 -31.16 33.32
C THR B 198 -17.15 -31.82 34.60
N SER B 199 -17.47 -31.01 35.60
CA SER B 199 -17.98 -31.57 36.85
C SER B 199 -18.98 -30.64 37.52
N THR B 200 -20.02 -31.24 38.09
CA THR B 200 -21.05 -30.48 38.77
C THR B 200 -20.53 -29.97 40.10
N SER B 201 -19.62 -30.74 40.69
CA SER B 201 -19.00 -30.39 41.96
C SER B 201 -17.55 -29.99 41.74
N PRO B 202 -17.04 -29.07 42.58
CA PRO B 202 -15.66 -28.59 42.48
C PRO B 202 -14.61 -29.67 42.70
N ILE B 203 -13.47 -29.53 42.04
CA ILE B 203 -12.39 -30.46 42.26
C ILE B 203 -11.66 -29.78 43.40
N VAL B 204 -11.62 -30.43 44.56
CA VAL B 204 -10.99 -29.86 45.74
C VAL B 204 -9.71 -30.55 46.18
N LYS B 205 -8.65 -29.77 46.35
CA LYS B 205 -7.37 -30.29 46.82
C LYS B 205 -6.90 -29.40 47.96
N SER B 206 -6.47 -30.02 49.05
CA SER B 206 -6.00 -29.26 50.18
C SER B 206 -4.95 -30.00 50.97
N PHE B 207 -4.38 -29.31 51.94
CA PHE B 207 -3.39 -29.90 52.83
C PHE B 207 -3.52 -29.16 54.14
N ASN B 208 -2.97 -29.75 55.19
CA ASN B 208 -2.98 -29.15 56.52
C ASN B 208 -1.55 -28.80 56.88
N ARG B 209 -1.33 -27.56 57.32
CA ARG B 209 0.00 -27.12 57.71
C ARG B 209 0.51 -28.04 58.82
N ASN B 210 -0.41 -28.56 59.63
CA ASN B 210 -0.06 -29.45 60.74
C ASN B 210 0.30 -30.86 60.29
N GLU B 211 -0.52 -31.45 59.44
CA GLU B 211 -0.30 -32.81 58.96
C GLU B 211 0.56 -32.90 57.69
N ALA B 212 1.79 -33.38 57.84
CA ALA B 212 2.72 -33.52 56.71
C ALA B 212 4.11 -33.98 57.19
N LYS B 213 4.58 -35.11 56.64
CA LYS B 213 5.88 -35.71 57.01
C LYS B 213 6.03 -35.92 58.52
N ALA B 214 7.22 -36.31 58.94
CA ALA B 214 7.49 -36.54 60.36
C ALA B 214 7.56 -35.20 61.10
N GLY C 1 17.02 -10.52 2.36
CA GLY C 1 17.26 -9.25 1.63
C GLY C 1 16.57 -8.06 2.29
N VAL C 2 15.28 -7.88 2.04
CA VAL C 2 14.57 -6.75 2.61
C VAL C 2 13.99 -7.05 4.01
N LYS C 3 14.43 -6.24 4.96
CA LYS C 3 14.01 -6.39 6.35
C LYS C 3 14.08 -5.08 7.12
N LEU C 4 13.46 -5.09 8.30
CA LEU C 4 13.44 -3.94 9.20
C LEU C 4 14.02 -4.45 10.53
N GLN C 5 15.17 -3.90 10.93
CA GLN C 5 15.86 -4.32 12.15
C GLN C 5 15.59 -3.38 13.32
N GLN C 6 14.87 -3.86 14.33
CA GLN C 6 14.54 -3.03 15.50
C GLN C 6 15.52 -3.18 16.65
N SER C 7 15.61 -2.13 17.48
CA SER C 7 16.52 -2.12 18.61
C SER C 7 16.01 -3.00 19.74
N GLY C 8 16.89 -3.30 20.69
CA GLY C 8 16.54 -4.17 21.80
C GLY C 8 15.50 -3.73 22.81
N PRO C 9 15.10 -4.65 23.70
CA PRO C 9 14.10 -4.35 24.74
C PRO C 9 14.57 -3.22 25.63
N GLU C 10 13.63 -2.44 26.14
CA GLU C 10 13.91 -1.31 27.00
C GLU C 10 13.15 -1.37 28.31
N VAL C 11 13.82 -1.00 29.40
CA VAL C 11 13.17 -0.92 30.71
C VAL C 11 13.36 0.55 31.00
N VAL C 12 12.27 1.29 31.06
CA VAL C 12 12.37 2.70 31.33
C VAL C 12 11.52 3.10 32.53
N LYS C 13 12.01 4.07 33.30
CA LYS C 13 11.31 4.55 34.49
C LYS C 13 10.12 5.36 34.07
N PRO C 14 9.03 5.30 34.85
CA PRO C 14 7.85 6.08 34.51
C PRO C 14 8.23 7.56 34.43
N GLY C 15 7.55 8.30 33.55
CA GLY C 15 7.83 9.72 33.41
C GLY C 15 8.97 10.06 32.44
N ALA C 16 9.89 9.13 32.25
CA ALA C 16 11.03 9.34 31.35
C ALA C 16 10.62 9.11 29.90
N SER C 17 11.59 9.27 29.00
CA SER C 17 11.34 9.07 27.58
C SER C 17 12.17 7.90 27.07
N VAL C 18 11.83 7.41 25.89
CA VAL C 18 12.56 6.33 25.28
C VAL C 18 12.50 6.57 23.78
N LYS C 19 13.53 6.16 23.06
CA LYS C 19 13.57 6.33 21.62
C LYS C 19 14.10 5.02 21.03
N ILE C 20 13.30 4.40 20.18
CA ILE C 20 13.68 3.13 19.57
C ILE C 20 13.92 3.28 18.08
N SER C 21 14.76 2.40 17.54
CA SER C 21 15.11 2.47 16.12
C SER C 21 14.64 1.30 15.30
N CYS C 22 14.58 1.55 14.00
CA CYS C 22 14.12 0.58 13.00
C CYS C 22 15.02 0.78 11.76
N LYS C 23 16.04 -0.06 11.64
CA LYS C 23 16.94 0.06 10.51
C LYS C 23 16.46 -0.75 9.34
N ALA C 24 16.24 -0.05 8.23
CA ALA C 24 15.76 -0.67 7.00
C ALA C 24 16.93 -1.06 6.11
N SER C 25 16.80 -2.20 5.44
CA SER C 25 17.84 -2.65 4.53
C SER C 25 17.22 -3.55 3.49
N GLY C 26 17.87 -3.66 2.33
CA GLY C 26 17.34 -4.51 1.28
C GLY C 26 16.42 -3.83 0.30
N TYR C 27 16.27 -2.51 0.41
CA TYR C 27 15.43 -1.75 -0.50
C TYR C 27 15.68 -0.25 -0.31
N SER C 28 15.11 0.58 -1.20
CA SER C 28 15.29 2.02 -1.08
C SER C 28 14.41 2.59 0.03
N PHE C 29 15.03 2.87 1.17
CA PHE C 29 14.38 3.41 2.36
C PHE C 29 13.49 4.63 2.11
N THR C 30 13.97 5.57 1.31
CA THR C 30 13.26 6.81 1.03
C THR C 30 12.04 6.74 0.12
N ASN C 31 11.78 5.57 -0.46
CA ASN C 31 10.63 5.42 -1.34
C ASN C 31 9.40 4.74 -0.70
N PHE C 32 9.51 4.34 0.56
CA PHE C 32 8.39 3.70 1.24
C PHE C 32 8.09 4.31 2.60
N TYR C 33 6.82 4.28 2.97
CA TYR C 33 6.39 4.76 4.26
C TYR C 33 6.76 3.72 5.31
N ILE C 34 7.08 4.18 6.52
CA ILE C 34 7.35 3.26 7.60
C ILE C 34 6.30 3.62 8.64
N HIS C 35 5.55 2.61 9.07
CA HIS C 35 4.49 2.77 10.05
C HIS C 35 4.96 2.21 11.37
N TRP C 36 4.41 2.74 12.44
CA TRP C 36 4.72 2.26 13.77
C TRP C 36 3.42 1.78 14.38
N VAL C 37 3.48 0.60 14.99
CA VAL C 37 2.31 -0.04 15.61
C VAL C 37 2.58 -0.46 17.06
N LYS C 38 1.62 -0.17 17.93
CA LYS C 38 1.71 -0.49 19.34
C LYS C 38 0.82 -1.68 19.71
N GLN C 39 1.30 -2.52 20.61
CA GLN C 39 0.51 -3.65 21.07
C GLN C 39 0.78 -3.92 22.54
N ARG C 40 -0.19 -3.58 23.38
CA ARG C 40 -0.08 -3.78 24.82
C ARG C 40 -0.26 -5.25 25.11
N PRO C 41 0.23 -5.71 26.27
CA PRO C 41 0.10 -7.12 26.61
C PRO C 41 -1.34 -7.61 26.49
N GLY C 42 -1.51 -8.70 25.78
CA GLY C 42 -2.83 -9.28 25.61
C GLY C 42 -3.85 -8.42 24.88
N GLN C 43 -3.41 -7.38 24.18
CA GLN C 43 -4.37 -6.54 23.45
C GLN C 43 -4.14 -6.45 21.94
N GLY C 44 -4.99 -5.65 21.30
CA GLY C 44 -4.90 -5.51 19.86
C GLY C 44 -3.77 -4.64 19.34
N LEU C 45 -3.88 -4.33 18.05
CA LEU C 45 -2.88 -3.52 17.37
C LEU C 45 -3.40 -2.10 17.16
N GLU C 46 -2.55 -1.12 17.47
CA GLU C 46 -2.90 0.29 17.31
C GLU C 46 -1.89 0.99 16.42
N TRP C 47 -2.37 1.70 15.41
CA TRP C 47 -1.48 2.42 14.53
C TRP C 47 -1.02 3.69 15.26
N ILE C 48 0.30 3.96 15.24
CA ILE C 48 0.84 5.16 15.90
C ILE C 48 0.99 6.32 14.91
N GLY C 49 1.58 6.01 13.76
CA GLY C 49 1.80 7.01 12.72
C GLY C 49 2.78 6.51 11.68
N TRP C 50 3.09 7.35 10.69
CA TRP C 50 4.06 6.96 9.67
C TRP C 50 5.01 8.09 9.39
N ILE C 51 6.12 7.75 8.74
CA ILE C 51 7.12 8.72 8.35
C ILE C 51 7.44 8.36 6.92
N PHE C 52 7.77 9.36 6.12
CA PHE C 52 8.10 9.14 4.73
C PHE C 52 9.32 9.98 4.38
N HIS C 53 10.40 9.31 3.99
CA HIS C 53 11.66 9.94 3.58
C HIS C 53 12.41 10.61 4.74
N GLY C 54 11.77 11.53 5.44
CA GLY C 54 12.46 12.20 6.53
C GLY C 54 11.55 12.73 7.63
N SER C 55 12.17 13.19 8.71
CA SER C 55 11.48 13.72 9.88
C SER C 55 10.47 14.81 9.62
N ASP C 56 10.58 15.49 8.48
CA ASP C 56 9.68 16.59 8.15
C ASP C 56 8.40 16.13 7.47
N ASN C 57 8.26 14.82 7.24
CA ASN C 57 7.10 14.26 6.56
C ASN C 57 6.53 13.09 7.36
N THR C 58 5.62 13.41 8.28
CA THR C 58 5.02 12.39 9.14
C THR C 58 3.51 12.61 9.31
N GLU C 59 2.81 11.55 9.70
CA GLU C 59 1.39 11.65 9.98
C GLU C 59 1.17 10.81 11.24
N TYR C 60 0.38 11.36 12.17
CA TYR C 60 0.12 10.70 13.45
C TYR C 60 -1.33 10.37 13.75
N ASN C 61 -1.50 9.33 14.56
CA ASN C 61 -2.79 8.90 15.05
C ASN C 61 -3.11 9.98 16.09
N GLU C 62 -4.27 10.62 15.97
CA GLU C 62 -4.67 11.66 16.91
C GLU C 62 -4.34 11.31 18.37
N LYS C 63 -4.53 10.05 18.75
CA LYS C 63 -4.28 9.60 20.11
C LYS C 63 -2.80 9.59 20.54
N PHE C 64 -1.88 9.64 19.59
CA PHE C 64 -0.46 9.61 19.93
C PHE C 64 0.27 10.90 19.62
N LYS C 65 -0.45 11.85 19.05
CA LYS C 65 0.12 13.14 18.69
C LYS C 65 0.95 13.77 19.79
N ASP C 66 0.62 13.50 21.05
CA ASP C 66 1.39 14.10 22.15
C ASP C 66 2.20 13.06 22.91
N LYS C 67 2.41 11.90 22.31
CA LYS C 67 3.15 10.84 22.97
C LYS C 67 4.34 10.40 22.13
N ALA C 68 4.13 10.30 20.83
CA ALA C 68 5.17 9.85 19.93
C ALA C 68 5.72 10.93 19.02
N THR C 69 6.97 10.73 18.61
CA THR C 69 7.64 11.63 17.69
C THR C 69 8.43 10.73 16.74
N LEU C 70 8.09 10.80 15.46
CA LEU C 70 8.76 9.99 14.46
C LEU C 70 9.82 10.79 13.70
N THR C 71 11.03 10.24 13.63
CA THR C 71 12.12 10.90 12.92
C THR C 71 12.83 9.85 12.07
N ALA C 72 13.79 10.29 11.27
CA ALA C 72 14.56 9.38 10.44
C ALA C 72 15.95 9.93 10.20
N ASP C 73 16.89 9.02 10.02
CA ASP C 73 18.28 9.34 9.70
C ASP C 73 18.40 8.72 8.32
N THR C 74 18.11 9.49 7.29
CA THR C 74 18.18 9.00 5.92
C THR C 74 19.54 8.42 5.55
N SER C 75 20.61 9.02 6.09
CA SER C 75 21.97 8.57 5.81
C SER C 75 22.23 7.15 6.30
N SER C 76 21.41 6.66 7.21
CA SER C 76 21.61 5.31 7.72
C SER C 76 20.36 4.46 7.49
N SER C 77 19.42 4.97 6.69
CA SER C 77 18.18 4.25 6.40
C SER C 77 17.54 3.73 7.68
N THR C 78 17.45 4.59 8.68
CA THR C 78 16.88 4.19 9.97
C THR C 78 15.77 5.15 10.41
N ALA C 79 14.67 4.58 10.90
CA ALA C 79 13.56 5.39 11.39
C ALA C 79 13.60 5.25 12.90
N TYR C 80 13.23 6.31 13.60
CA TYR C 80 13.22 6.31 15.05
C TYR C 80 11.88 6.76 15.57
N MET C 81 11.52 6.29 16.76
CA MET C 81 10.28 6.72 17.37
C MET C 81 10.54 7.02 18.83
N GLN C 82 10.22 8.23 19.25
CA GLN C 82 10.40 8.59 20.65
C GLN C 82 9.06 8.64 21.35
N LEU C 83 9.02 8.12 22.57
CA LEU C 83 7.83 8.12 23.42
C LEU C 83 8.22 8.85 24.71
N SER C 84 7.43 9.82 25.11
CA SER C 84 7.76 10.59 26.31
C SER C 84 6.73 10.49 27.44
N SER C 85 7.17 10.81 28.66
CA SER C 85 6.35 10.76 29.87
C SER C 85 5.68 9.41 30.01
N LEU C 86 6.48 8.35 29.87
CA LEU C 86 5.96 7.00 29.92
C LEU C 86 5.23 6.64 31.20
N THR C 87 4.09 5.97 31.03
CA THR C 87 3.30 5.48 32.15
C THR C 87 3.28 3.97 31.97
N SER C 88 2.43 3.30 32.73
CA SER C 88 2.32 1.86 32.64
C SER C 88 1.54 1.52 31.37
N GLU C 89 0.76 2.48 30.88
CA GLU C 89 -0.06 2.31 29.69
C GLU C 89 0.82 2.23 28.45
N ASP C 90 2.07 2.61 28.61
CA ASP C 90 3.01 2.61 27.49
C ASP C 90 3.84 1.35 27.41
N SER C 91 3.71 0.49 28.42
CA SER C 91 4.45 -0.78 28.39
C SER C 91 3.79 -1.58 27.25
N ALA C 92 4.58 -1.92 26.25
CA ALA C 92 4.03 -2.64 25.12
C ALA C 92 5.13 -3.07 24.20
N VAL C 93 4.73 -3.71 23.11
CA VAL C 93 5.66 -4.12 22.08
C VAL C 93 5.38 -3.12 20.96
N TYR C 94 6.44 -2.53 20.42
CA TYR C 94 6.27 -1.57 19.33
C TYR C 94 6.93 -2.13 18.08
N PHE C 95 6.14 -2.21 17.01
CA PHE C 95 6.61 -2.72 15.72
C PHE C 95 6.70 -1.59 14.71
N CYS C 96 7.62 -1.71 13.76
CA CYS C 96 7.70 -0.78 12.65
C CYS C 96 7.35 -1.68 11.47
N ALA C 97 6.64 -1.14 10.49
CA ALA C 97 6.26 -1.93 9.34
C ALA C 97 6.30 -1.04 8.10
N ARG C 98 6.67 -1.63 6.99
CA ARG C 98 6.74 -0.90 5.73
C ARG C 98 5.39 -1.01 5.04
N TRP C 99 4.97 0.07 4.41
CA TRP C 99 3.72 0.06 3.66
C TRP C 99 4.23 -0.30 2.27
N GLY C 100 4.06 -1.57 1.90
CA GLY C 100 4.55 -2.06 0.63
C GLY C 100 3.79 -1.71 -0.65
N PRO C 101 4.29 -2.23 -1.78
CA PRO C 101 3.78 -2.05 -3.15
C PRO C 101 2.26 -2.15 -3.31
N HIS C 102 1.65 -3.16 -2.67
CA HIS C 102 0.20 -3.37 -2.77
C HIS C 102 -0.58 -2.78 -1.60
N TRP C 103 0.04 -1.80 -0.97
CA TRP C 103 -0.54 -1.08 0.14
C TRP C 103 -1.04 -1.81 1.37
N TYR C 104 -0.22 -2.74 1.86
CA TYR C 104 -0.53 -3.43 3.11
C TYR C 104 0.81 -3.41 3.82
N PHE C 105 0.82 -3.60 5.14
CA PHE C 105 2.08 -3.61 5.90
C PHE C 105 2.73 -4.94 5.56
N ASP C 106 3.59 -4.92 4.54
CA ASP C 106 4.22 -6.15 4.06
C ASP C 106 5.47 -6.66 4.76
N VAL C 107 6.27 -5.77 5.32
CA VAL C 107 7.47 -6.20 6.02
C VAL C 107 7.40 -5.61 7.43
N TRP C 108 7.50 -6.46 8.45
CA TRP C 108 7.43 -6.02 9.83
C TRP C 108 8.73 -6.21 10.58
N GLY C 109 9.05 -5.27 11.49
CA GLY C 109 10.24 -5.44 12.30
C GLY C 109 9.84 -6.50 13.32
N GLN C 110 10.79 -7.04 14.09
CA GLN C 110 10.47 -8.08 15.07
C GLN C 110 9.76 -7.55 16.32
N GLY C 111 9.78 -6.22 16.48
CA GLY C 111 9.14 -5.60 17.63
C GLY C 111 10.11 -5.23 18.74
N THR C 112 9.83 -4.15 19.45
CA THR C 112 10.68 -3.75 20.56
C THR C 112 9.83 -3.70 21.82
N THR C 113 10.24 -4.46 22.83
CA THR C 113 9.51 -4.50 24.09
C THR C 113 9.89 -3.33 25.00
N VAL C 114 8.90 -2.55 25.40
CA VAL C 114 9.15 -1.43 26.31
C VAL C 114 8.44 -1.66 27.65
N THR C 115 9.22 -1.81 28.71
CA THR C 115 8.65 -2.03 30.04
C THR C 115 8.87 -0.78 30.88
N VAL C 116 7.77 -0.09 31.20
CA VAL C 116 7.81 1.12 32.01
C VAL C 116 7.78 0.71 33.48
N SER C 117 8.93 0.75 34.13
CA SER C 117 9.02 0.34 35.52
C SER C 117 10.11 1.07 36.31
N SER C 118 9.96 1.06 37.64
CA SER C 118 10.91 1.70 38.52
C SER C 118 11.79 0.65 39.17
N ALA C 119 11.47 -0.62 38.93
CA ALA C 119 12.22 -1.72 39.53
C ALA C 119 13.66 -1.75 39.04
N LYS C 120 14.51 -2.45 39.79
CA LYS C 120 15.92 -2.59 39.44
C LYS C 120 16.18 -4.07 39.16
N THR C 121 17.26 -4.38 38.46
CA THR C 121 17.58 -5.77 38.17
C THR C 121 17.70 -6.53 39.46
N THR C 122 16.80 -7.50 39.66
CA THR C 122 16.77 -8.30 40.87
C THR C 122 16.81 -9.79 40.50
N PRO C 123 17.70 -10.57 41.13
CA PRO C 123 17.69 -11.99 40.77
C PRO C 123 16.48 -12.65 41.45
N PRO C 124 16.00 -13.75 40.88
CA PRO C 124 14.84 -14.40 41.47
C PRO C 124 15.18 -15.27 42.64
N SER C 125 14.15 -15.61 43.42
CA SER C 125 14.32 -16.53 44.53
C SER C 125 13.63 -17.78 44.00
N VAL C 126 14.36 -18.88 43.94
CA VAL C 126 13.80 -20.12 43.42
C VAL C 126 13.37 -21.00 44.59
N TYR C 127 12.08 -21.34 44.60
CA TYR C 127 11.52 -22.19 45.64
C TYR C 127 10.93 -23.45 45.06
N PRO C 128 11.24 -24.60 45.68
CA PRO C 128 10.77 -25.93 45.28
C PRO C 128 9.32 -26.15 45.69
N LEU C 129 8.52 -26.71 44.80
CA LEU C 129 7.14 -27.00 45.11
C LEU C 129 6.97 -28.52 45.17
N ALA C 130 7.00 -29.07 46.38
CA ALA C 130 6.83 -30.51 46.59
C ALA C 130 5.46 -30.73 47.23
N PRO C 131 4.83 -31.89 46.93
CA PRO C 131 3.51 -32.18 47.49
C PRO C 131 3.47 -32.00 49.01
N ASN C 133 -0.31 -41.08 42.27
CA ASN C 133 0.59 -42.02 42.94
C ASN C 133 1.53 -42.70 41.95
N SER C 134 1.04 -42.64 40.71
CA SER C 134 1.66 -43.13 39.48
C SER C 134 2.36 -41.94 38.80
N MET C 135 1.82 -40.74 39.01
CA MET C 135 2.42 -39.50 38.56
C MET C 135 2.39 -38.53 39.77
N VAL C 136 3.45 -37.79 39.97
CA VAL C 136 3.58 -36.83 41.07
C VAL C 136 3.95 -35.45 40.52
N THR C 137 3.17 -34.40 40.65
CA THR C 137 3.64 -33.17 40.03
C THR C 137 4.80 -32.51 40.85
N LEU C 138 5.25 -31.25 40.53
CA LEU C 138 6.34 -30.55 41.26
C LEU C 138 6.47 -29.18 40.59
N GLY C 139 6.66 -28.14 41.26
CA GLY C 139 6.85 -27.12 40.37
C GLY C 139 8.23 -26.67 40.59
N CYS C 140 8.05 -25.55 40.72
CA CYS C 140 9.15 -24.61 40.96
C CYS C 140 8.55 -23.19 40.94
N LEU C 141 8.81 -22.41 42.00
CA LEU C 141 8.28 -21.05 42.08
C LEU C 141 9.42 -20.02 41.96
N VAL C 142 9.38 -19.22 40.90
CA VAL C 142 10.39 -18.19 40.64
C VAL C 142 9.78 -16.85 41.03
N LYS C 143 10.13 -16.38 42.23
CA LYS C 143 9.58 -15.15 42.78
C LYS C 143 10.50 -13.93 42.95
N GLY C 144 9.95 -12.75 42.66
CA GLY C 144 10.66 -11.50 42.82
C GLY C 144 11.87 -11.21 41.96
N TYR C 145 11.76 -11.36 40.66
CA TYR C 145 12.88 -11.10 39.76
C TYR C 145 12.53 -9.94 38.85
N PHE C 146 13.56 -9.37 38.23
CA PHE C 146 13.41 -8.25 37.32
C PHE C 146 14.72 -8.00 36.59
N PRO C 147 14.65 -7.75 35.28
CA PRO C 147 13.41 -7.70 34.48
C PRO C 147 13.15 -9.07 33.86
N GLU C 148 12.18 -9.13 32.94
CA GLU C 148 11.88 -10.36 32.23
C GLU C 148 13.05 -10.61 31.28
N PRO C 149 13.30 -11.87 30.91
CA PRO C 149 12.57 -13.06 31.34
C PRO C 149 13.54 -13.97 32.06
N VAL C 150 13.05 -15.14 32.43
CA VAL C 150 13.89 -16.14 33.07
C VAL C 150 13.75 -17.37 32.20
N THR C 151 14.63 -18.33 32.40
CA THR C 151 14.57 -19.56 31.66
C THR C 151 14.52 -20.72 32.66
N VAL C 152 13.42 -21.47 32.60
CA VAL C 152 13.24 -22.60 33.51
C VAL C 152 13.32 -23.89 32.73
N THR C 153 14.13 -24.82 33.23
CA THR C 153 14.27 -26.13 32.62
C THR C 153 14.18 -27.15 33.74
N TRP C 154 13.97 -28.41 33.38
CA TRP C 154 13.88 -29.47 34.37
C TRP C 154 14.91 -30.54 34.05
N ASN C 155 15.75 -30.85 35.04
CA ASN C 155 16.81 -31.83 34.86
C ASN C 155 17.65 -31.45 33.62
N SER C 156 18.01 -30.18 33.56
CA SER C 156 18.83 -29.66 32.48
C SER C 156 18.24 -29.88 31.10
N GLY C 157 16.91 -29.94 31.02
CA GLY C 157 16.28 -30.13 29.74
C GLY C 157 15.88 -31.57 29.48
N SER C 158 16.38 -32.49 30.30
CA SER C 158 16.04 -33.90 30.14
C SER C 158 14.53 -34.05 30.24
N LEU C 159 13.94 -33.47 31.28
CA LEU C 159 12.50 -33.51 31.44
C LEU C 159 11.90 -32.40 30.57
N SER C 160 11.22 -32.80 29.51
CA SER C 160 10.61 -31.84 28.60
C SER C 160 9.12 -32.13 28.52
N SER C 161 8.80 -33.40 28.46
CA SER C 161 7.42 -33.85 28.39
C SER C 161 6.79 -33.77 29.77
N GLY C 162 5.66 -33.07 29.85
CA GLY C 162 4.96 -32.94 31.12
C GLY C 162 5.33 -31.68 31.88
N VAL C 163 5.85 -30.69 31.16
CA VAL C 163 6.25 -29.44 31.77
C VAL C 163 5.31 -28.31 31.38
N HIS C 164 5.00 -27.46 32.36
CA HIS C 164 4.12 -26.31 32.14
C HIS C 164 4.78 -25.11 32.80
N THR C 165 5.29 -24.19 32.01
CA THR C 165 5.90 -23.00 32.57
C THR C 165 4.96 -21.84 32.27
N PHE C 166 4.37 -21.31 33.33
CA PHE C 166 3.39 -20.24 33.22
C PHE C 166 3.93 -18.83 33.06
N PRO C 167 3.16 -17.98 32.38
CA PRO C 167 3.52 -16.58 32.15
C PRO C 167 3.75 -15.91 33.49
N ALA C 168 4.78 -15.06 33.56
CA ALA C 168 5.06 -14.35 34.81
C ALA C 168 3.96 -13.35 35.11
N VAL C 169 3.75 -13.05 36.38
CA VAL C 169 2.75 -12.06 36.76
C VAL C 169 3.53 -11.01 37.54
N LEU C 170 2.93 -9.84 37.73
CA LEU C 170 3.59 -8.77 38.46
C LEU C 170 3.13 -8.82 39.92
N GLN C 171 4.08 -8.96 40.83
CA GLN C 171 3.79 -9.03 42.25
C GLN C 171 4.79 -8.13 42.93
N SER C 172 4.30 -7.03 43.51
CA SER C 172 5.17 -6.08 44.21
C SER C 172 6.16 -5.44 43.22
N ASP C 173 5.67 -5.08 42.04
CA ASP C 173 6.51 -4.47 41.02
C ASP C 173 7.64 -5.35 40.54
N LEU C 174 7.61 -6.62 40.93
CA LEU C 174 8.60 -7.59 40.51
C LEU C 174 7.82 -8.74 39.85
N TYR C 175 8.52 -9.65 39.19
CA TYR C 175 7.83 -10.76 38.54
C TYR C 175 7.85 -12.05 39.30
N THR C 176 6.77 -12.81 39.15
CA THR C 176 6.66 -14.11 39.79
C THR C 176 6.17 -15.06 38.71
N LEU C 177 6.79 -16.23 38.68
CA LEU C 177 6.47 -17.24 37.69
C LEU C 177 6.57 -18.61 38.33
N SER C 178 5.92 -19.59 37.74
CA SER C 178 5.99 -20.93 38.28
C SER C 178 6.03 -21.92 37.13
N SER C 179 6.48 -23.13 37.43
CA SER C 179 6.57 -24.18 36.44
C SER C 179 6.23 -25.51 37.12
N SER C 180 5.50 -26.36 36.43
CA SER C 180 5.15 -27.65 36.99
C SER C 180 5.71 -28.73 36.10
N VAL C 181 6.10 -29.85 36.72
CA VAL C 181 6.60 -30.99 35.98
C VAL C 181 5.92 -32.22 36.56
N THR C 182 5.51 -33.12 35.68
CA THR C 182 4.84 -34.34 36.11
C THR C 182 5.69 -35.55 35.73
N VAL C 183 6.00 -36.38 36.71
CA VAL C 183 6.82 -37.57 36.50
C VAL C 183 6.20 -38.77 37.20
N PRO C 184 6.64 -39.98 36.83
CA PRO C 184 6.09 -41.18 37.47
C PRO C 184 6.59 -41.16 38.91
N SER C 185 5.78 -41.64 39.84
CA SER C 185 6.18 -41.64 41.24
C SER C 185 7.39 -42.56 41.48
N SER C 186 7.62 -43.48 40.55
CA SER C 186 8.75 -44.40 40.66
C SER C 186 10.04 -43.65 40.30
N THR C 187 9.89 -42.44 39.77
CA THR C 187 11.01 -41.60 39.38
C THR C 187 11.40 -40.63 40.49
N TRP C 188 10.41 -40.09 41.18
CA TRP C 188 10.67 -39.16 42.27
C TRP C 188 9.93 -39.65 43.50
N PRO C 189 10.53 -39.48 44.70
CA PRO C 189 11.83 -38.87 44.98
C PRO C 189 13.00 -39.85 45.01
N SER C 190 12.78 -41.06 44.49
CA SER C 190 13.84 -42.06 44.47
C SER C 190 14.98 -41.56 43.58
N GLU C 191 14.62 -40.75 42.59
CA GLU C 191 15.57 -40.13 41.68
C GLU C 191 15.47 -38.62 41.90
N THR C 192 16.41 -37.87 41.33
CA THR C 192 16.42 -36.43 41.51
C THR C 192 15.79 -35.64 40.37
N VAL C 193 14.93 -34.70 40.76
CA VAL C 193 14.30 -33.80 39.81
C VAL C 193 14.74 -32.43 40.27
N THR C 194 15.30 -31.66 39.34
CA THR C 194 15.83 -30.34 39.65
C THR C 194 15.44 -29.30 38.63
N CYS C 195 14.89 -28.17 39.08
CA CYS C 195 14.56 -27.12 38.12
C CYS C 195 15.74 -26.18 38.02
N ASN C 196 16.08 -25.82 36.78
CA ASN C 196 17.20 -24.94 36.54
C ASN C 196 16.61 -23.63 36.10
N VAL C 197 16.91 -22.58 36.87
CA VAL C 197 16.40 -21.26 36.57
C VAL C 197 17.55 -20.36 36.18
N ALA C 198 17.37 -19.65 35.08
CA ALA C 198 18.41 -18.75 34.61
C ALA C 198 17.84 -17.36 34.40
N HIS C 199 18.46 -16.36 35.02
CA HIS C 199 18.04 -14.98 34.88
C HIS C 199 19.23 -14.22 34.34
N PRO C 200 19.34 -14.07 33.00
CA PRO C 200 20.45 -13.35 32.38
C PRO C 200 20.65 -11.92 32.88
N ALA C 201 19.57 -11.18 33.03
CA ALA C 201 19.65 -9.80 33.51
C ALA C 201 20.53 -9.65 34.74
N SER C 202 20.54 -10.66 35.59
CA SER C 202 21.35 -10.61 36.81
C SER C 202 22.48 -11.62 36.76
N SER C 203 22.74 -12.13 35.56
CA SER C 203 23.79 -13.13 35.34
C SER C 203 23.73 -14.26 36.37
N THR C 204 22.52 -14.76 36.64
CA THR C 204 22.34 -15.83 37.61
C THR C 204 21.73 -17.12 37.05
N LYS C 205 22.19 -18.25 37.57
CA LYS C 205 21.72 -19.58 37.19
C LYS C 205 21.62 -20.35 38.49
N VAL C 206 20.43 -20.84 38.82
CA VAL C 206 20.24 -21.60 40.05
C VAL C 206 19.54 -22.94 39.79
N ASP C 207 20.03 -23.96 40.48
CA ASP C 207 19.49 -25.31 40.37
C ASP C 207 18.81 -25.60 41.70
N LYS C 208 17.52 -25.91 41.65
CA LYS C 208 16.80 -26.20 42.88
C LYS C 208 16.28 -27.62 42.84
N LYS C 209 16.89 -28.51 43.62
CA LYS C 209 16.42 -29.88 43.65
C LYS C 209 15.12 -29.94 44.44
N ILE C 210 14.16 -30.72 43.94
CA ILE C 210 12.89 -30.87 44.62
C ILE C 210 13.03 -32.04 45.59
N ALA C 211 13.07 -31.71 46.87
CA ALA C 211 13.19 -32.74 47.91
C ALA C 211 11.81 -33.00 48.50
N ALA C 212 11.55 -34.26 48.82
CA ALA C 212 10.27 -34.65 49.39
C ALA C 212 9.91 -33.77 50.59
N ALA C 213 8.70 -33.24 50.58
CA ALA C 213 8.24 -32.37 51.67
C ALA C 213 7.75 -33.19 52.86
N SER D 1 15.00 37.64 -30.24
CA SER D 1 14.88 37.79 -31.72
C SER D 1 14.98 36.43 -32.44
N LEU D 2 14.19 35.45 -31.97
CA LEU D 2 14.19 34.12 -32.57
C LEU D 2 13.07 34.03 -33.61
N ARG D 3 13.32 33.28 -34.69
CA ARG D 3 12.31 33.09 -35.73
C ARG D 3 12.21 31.59 -35.99
N CYS D 4 10.99 31.12 -36.27
CA CYS D 4 10.78 29.70 -36.54
C CYS D 4 9.79 29.48 -37.65
N MET D 5 9.87 28.30 -38.27
CA MET D 5 8.93 27.96 -39.31
C MET D 5 7.64 27.62 -38.60
N GLN D 6 6.52 28.13 -39.13
CA GLN D 6 5.23 27.85 -38.55
C GLN D 6 4.43 27.15 -39.64
N CYS D 7 4.24 25.84 -39.48
CA CYS D 7 3.50 25.07 -40.48
C CYS D 7 2.30 24.34 -39.89
N LYS D 8 1.21 24.28 -40.65
CA LYS D 8 0.02 23.57 -40.23
C LYS D 8 0.23 22.17 -40.77
N THR D 9 -0.73 21.28 -40.50
CA THR D 9 -0.60 19.93 -40.99
C THR D 9 -0.83 19.85 -42.50
N ASN D 10 -1.53 20.85 -43.05
CA ASN D 10 -1.82 20.88 -44.49
C ASN D 10 -0.60 21.20 -45.37
N GLY D 11 0.49 21.62 -44.76
CA GLY D 11 1.69 21.94 -45.51
C GLY D 11 1.92 23.42 -45.66
N ASP D 12 0.93 24.21 -45.27
CA ASP D 12 1.03 25.66 -45.38
C ASP D 12 2.06 26.15 -44.36
N CYS D 13 3.21 26.61 -44.85
CA CYS D 13 4.25 27.11 -43.96
C CYS D 13 4.48 28.60 -44.12
N ARG D 14 5.12 29.18 -43.11
CA ARG D 14 5.39 30.61 -43.08
C ARG D 14 6.38 30.87 -41.96
N VAL D 15 7.10 31.98 -42.05
CA VAL D 15 8.08 32.33 -41.01
C VAL D 15 7.32 32.99 -39.85
N GLU D 16 7.69 32.62 -38.62
CA GLU D 16 7.06 33.19 -37.42
C GLU D 16 8.06 33.93 -36.54
N GLU D 17 7.66 35.13 -36.12
CA GLU D 17 8.50 35.93 -35.25
C GLU D 17 8.12 35.55 -33.82
N CYS D 18 8.99 34.81 -33.15
CA CYS D 18 8.73 34.35 -31.79
C CYS D 18 8.40 35.48 -30.81
N ALA D 19 7.46 35.23 -29.91
CA ALA D 19 7.07 36.21 -28.89
C ALA D 19 8.00 36.07 -27.70
N LEU D 20 8.20 37.15 -26.94
CA LEU D 20 9.08 37.10 -25.76
C LEU D 20 8.80 35.86 -24.91
N GLY D 21 9.84 35.11 -24.58
CA GLY D 21 9.66 33.92 -23.77
C GLY D 21 9.79 32.63 -24.54
N GLN D 22 9.45 32.69 -25.83
CA GLN D 22 9.55 31.54 -26.71
C GLN D 22 10.87 31.61 -27.46
N ASP D 23 11.90 31.02 -26.87
CA ASP D 23 13.23 31.02 -27.44
C ASP D 23 13.60 29.65 -28.02
N LEU D 24 12.57 28.94 -28.47
CA LEU D 24 12.78 27.61 -29.07
C LEU D 24 11.83 27.35 -30.24
N CYS D 25 12.29 26.56 -31.19
CA CYS D 25 11.49 26.18 -32.34
C CYS D 25 11.09 24.73 -32.14
N ARG D 26 9.93 24.33 -32.62
CA ARG D 26 9.50 22.96 -32.47
C ARG D 26 8.88 22.33 -33.71
N THR D 27 9.16 21.05 -33.91
CA THR D 27 8.60 20.30 -35.02
C THR D 27 7.93 19.10 -34.38
N THR D 28 6.60 19.07 -34.42
CA THR D 28 5.85 17.97 -33.83
C THR D 28 5.44 17.01 -34.94
N ILE D 29 5.80 15.74 -34.80
CA ILE D 29 5.45 14.75 -35.81
C ILE D 29 4.61 13.62 -35.26
N VAL D 30 3.55 13.28 -35.99
CA VAL D 30 2.65 12.21 -35.59
C VAL D 30 2.56 11.24 -36.77
N ARG D 31 2.71 9.94 -36.50
CA ARG D 31 2.64 8.95 -37.55
C ARG D 31 1.65 7.87 -37.14
N LEU D 32 0.70 7.56 -38.02
CA LEU D 32 -0.31 6.55 -37.76
C LEU D 32 -0.25 5.43 -38.80
N TRP D 33 0.16 4.24 -38.34
CA TRP D 33 0.31 3.07 -39.22
C TRP D 33 -0.81 2.05 -39.03
N GLU D 34 -1.08 1.28 -40.08
CA GLU D 34 -2.09 0.21 -40.07
C GLU D 34 -1.91 -0.78 -41.23
N GLU D 38 0.68 4.00 -43.96
CA GLU D 38 0.99 4.92 -42.87
C GLU D 38 0.62 6.37 -43.21
N LEU D 39 0.33 7.17 -42.18
CA LEU D 39 -0.01 8.59 -42.33
C LEU D 39 0.89 9.41 -41.43
N GLU D 40 1.49 10.47 -41.97
CA GLU D 40 2.37 11.32 -41.18
C GLU D 40 1.92 12.78 -41.13
N LEU D 41 1.76 13.29 -39.91
CA LEU D 41 1.36 14.67 -39.69
C LEU D 41 2.58 15.42 -39.17
N VAL D 42 2.80 16.62 -39.69
CA VAL D 42 3.93 17.43 -39.24
C VAL D 42 3.40 18.81 -38.93
N GLU D 43 3.86 19.39 -37.84
CA GLU D 43 3.44 20.72 -37.40
C GLU D 43 4.65 21.45 -36.79
N LYS D 44 4.75 22.76 -36.99
CA LYS D 44 5.88 23.53 -36.48
C LYS D 44 5.50 24.91 -36.03
N SER D 45 6.34 25.52 -35.20
CA SER D 45 6.11 26.87 -34.68
C SER D 45 7.14 27.23 -33.62
N CYS D 46 7.06 28.45 -33.09
CA CYS D 46 7.95 28.87 -32.01
C CYS D 46 7.40 28.15 -30.78
N THR D 47 8.23 27.94 -29.77
CA THR D 47 7.75 27.27 -28.58
C THR D 47 8.44 27.78 -27.32
N HIS D 48 7.91 27.37 -26.17
CA HIS D 48 8.44 27.79 -24.87
C HIS D 48 9.85 27.30 -24.55
N SER D 49 10.57 28.12 -23.80
CA SER D 49 11.95 27.86 -23.41
C SER D 49 12.23 26.50 -22.79
N GLU D 50 11.32 26.01 -21.96
CA GLU D 50 11.53 24.73 -21.28
C GLU D 50 10.99 23.47 -21.97
N LYS D 51 10.76 23.55 -23.28
CA LYS D 51 10.29 22.40 -24.03
C LYS D 51 11.50 21.52 -24.31
N THR D 52 11.29 20.25 -24.64
CA THR D 52 12.41 19.33 -24.88
C THR D 52 12.09 18.25 -25.91
N ASN D 53 13.15 17.56 -26.34
CA ASN D 53 12.99 16.46 -27.30
C ASN D 53 12.29 15.34 -26.57
N ARG D 54 11.22 14.84 -27.16
CA ARG D 54 10.44 13.78 -26.52
C ARG D 54 9.72 12.89 -27.52
N THR D 55 9.57 11.61 -27.16
CA THR D 55 8.91 10.66 -28.02
C THR D 55 7.92 9.82 -27.24
N LEU D 56 6.98 9.23 -27.97
CA LEU D 56 5.96 8.39 -27.38
C LEU D 56 5.35 7.59 -28.51
N SER D 57 5.40 6.27 -28.37
CA SER D 57 4.84 5.39 -29.38
C SER D 57 4.01 4.34 -28.64
N TYR D 58 2.84 4.02 -29.18
CA TYR D 58 1.98 3.04 -28.56
C TYR D 58 1.06 2.43 -29.59
N ARG D 59 0.75 1.14 -29.43
CA ARG D 59 -0.14 0.49 -30.35
C ARG D 59 -1.48 0.34 -29.66
N THR D 60 -2.53 0.59 -30.43
CA THR D 60 -3.88 0.53 -29.90
C THR D 60 -4.71 -0.42 -30.78
N GLY D 61 -4.33 -1.69 -30.78
CA GLY D 61 -5.01 -2.68 -31.58
C GLY D 61 -4.13 -3.02 -32.77
N LEU D 62 -4.60 -2.69 -33.97
CA LEU D 62 -3.83 -2.93 -35.19
C LEU D 62 -2.95 -1.72 -35.50
N LYS D 63 -3.43 -0.55 -35.09
CA LYS D 63 -2.73 0.71 -35.31
C LYS D 63 -1.54 0.93 -34.37
N ILE D 64 -0.68 1.86 -34.77
CA ILE D 64 0.50 2.22 -34.01
C ILE D 64 0.64 3.73 -34.16
N THR D 65 0.56 4.46 -33.05
CA THR D 65 0.69 5.92 -33.12
C THR D 65 2.07 6.32 -32.61
N SER D 66 2.77 7.14 -33.38
CA SER D 66 4.11 7.58 -33.01
C SER D 66 4.23 9.10 -32.95
N LEU D 67 4.24 9.63 -31.73
CA LEU D 67 4.37 11.05 -31.51
C LEU D 67 5.86 11.36 -31.26
N THR D 68 6.33 12.50 -31.74
CA THR D 68 7.72 12.87 -31.54
C THR D 68 7.91 14.37 -31.73
N GLU D 69 8.57 15.01 -30.78
CA GLU D 69 8.80 16.45 -30.84
C GLU D 69 10.27 16.80 -30.65
N VAL D 70 10.82 17.54 -31.61
CA VAL D 70 12.21 17.96 -31.53
C VAL D 70 12.24 19.48 -31.39
N VAL D 71 13.22 19.98 -30.66
CA VAL D 71 13.34 21.41 -30.42
C VAL D 71 14.74 21.93 -30.71
N CYS D 72 14.85 23.23 -30.93
CA CYS D 72 16.13 23.85 -31.24
C CYS D 72 16.00 25.36 -31.04
N GLY D 73 17.11 26.04 -30.75
CA GLY D 73 17.04 27.47 -30.52
C GLY D 73 17.79 28.36 -31.49
N LEU D 74 17.83 27.96 -32.76
CA LEU D 74 18.50 28.76 -33.78
C LEU D 74 17.48 29.17 -34.84
N ASP D 75 17.71 30.32 -35.45
CA ASP D 75 16.83 30.86 -36.47
C ASP D 75 16.43 29.82 -37.53
N LEU D 76 15.12 29.63 -37.68
CA LEU D 76 14.52 28.69 -38.64
C LEU D 76 15.07 27.28 -38.61
N CYS D 77 15.73 26.90 -37.51
CA CYS D 77 16.28 25.55 -37.37
C CYS D 77 15.12 24.57 -37.58
N ASN D 78 13.93 25.13 -37.49
CA ASN D 78 12.63 24.48 -37.65
C ASN D 78 12.37 23.87 -39.03
N GLN D 79 12.87 24.53 -40.07
CA GLN D 79 12.67 24.15 -41.47
C GLN D 79 13.13 22.77 -41.93
N GLY D 80 14.31 22.33 -41.49
CA GLY D 80 14.81 21.04 -41.89
C GLY D 80 13.91 19.88 -41.52
N ASN D 81 14.07 18.75 -42.20
CA ASN D 81 13.28 17.56 -41.92
C ASN D 81 13.98 16.71 -40.86
N TYR D 93 17.03 -2.53 -28.36
CA TYR D 93 15.62 -2.89 -28.47
C TYR D 93 14.98 -3.27 -27.13
N LEU D 94 14.50 -2.28 -26.38
CA LEU D 94 13.86 -2.56 -25.10
C LEU D 94 12.39 -2.84 -25.40
N GLU D 95 11.88 -3.96 -24.89
CA GLU D 95 10.50 -4.32 -25.12
C GLU D 95 9.58 -3.81 -24.01
N CYS D 96 8.47 -3.18 -24.40
CA CYS D 96 7.54 -2.66 -23.43
C CYS D 96 6.15 -3.18 -23.67
N ILE D 97 5.24 -2.80 -22.80
CA ILE D 97 3.85 -3.16 -22.92
C ILE D 97 3.21 -1.90 -23.48
N SER D 98 2.19 -2.06 -24.31
CA SER D 98 1.52 -0.90 -24.91
C SER D 98 0.01 -1.08 -25.05
N CYS D 99 -0.74 -0.01 -24.83
CA CYS D 99 -2.20 -0.02 -24.95
C CYS D 99 -2.68 1.44 -25.03
N GLY D 100 -3.97 1.64 -25.22
CA GLY D 100 -4.47 3.00 -25.31
C GLY D 100 -5.95 3.14 -24.98
N SER D 101 -6.33 4.32 -24.52
CA SER D 101 -7.72 4.59 -24.16
C SER D 101 -8.62 4.80 -25.37
N SER D 102 -8.05 5.27 -26.48
CA SER D 102 -8.85 5.52 -27.68
C SER D 102 -9.75 4.33 -28.03
N ASP D 103 -9.18 3.12 -27.99
CA ASP D 103 -9.94 1.93 -28.32
C ASP D 103 -10.18 1.05 -27.10
N MET D 104 -10.16 1.64 -25.91
CA MET D 104 -10.38 0.88 -24.69
C MET D 104 -9.41 -0.29 -24.63
N SER D 105 -8.20 -0.06 -25.11
CA SER D 105 -7.15 -1.07 -25.11
C SER D 105 -6.68 -1.34 -23.68
N CYS D 106 -6.36 -0.27 -22.97
CA CYS D 106 -5.90 -0.39 -21.59
C CYS D 106 -7.01 -0.80 -20.64
N GLU D 107 -8.10 -0.05 -20.64
CA GLU D 107 -9.22 -0.32 -19.77
C GLU D 107 -9.74 -1.74 -19.90
N ARG D 108 -9.42 -2.39 -21.01
CA ARG D 108 -9.88 -3.77 -21.27
C ARG D 108 -8.81 -4.84 -21.10
N GLY D 109 -7.64 -4.44 -20.61
CA GLY D 109 -6.57 -5.40 -20.40
C GLY D 109 -6.08 -6.05 -21.67
N ARG D 110 -6.35 -5.44 -22.81
CA ARG D 110 -5.88 -6.00 -24.06
C ARG D 110 -4.56 -5.33 -24.40
N HIS D 111 -3.58 -5.50 -23.52
CA HIS D 111 -2.27 -4.90 -23.70
C HIS D 111 -1.41 -5.74 -24.62
N GLN D 112 -0.56 -5.07 -25.38
CA GLN D 112 0.32 -5.74 -26.33
C GLN D 112 1.76 -5.37 -26.13
N SER D 113 2.64 -6.21 -26.66
CA SER D 113 4.06 -5.99 -26.56
C SER D 113 4.51 -5.09 -27.72
N LEU D 114 5.33 -4.10 -27.42
CA LEU D 114 5.85 -3.18 -28.43
C LEU D 114 7.35 -3.00 -28.16
N GLN D 115 8.17 -3.24 -29.17
CA GLN D 115 9.61 -3.08 -28.97
C GLN D 115 10.03 -1.70 -29.38
N CYS D 116 10.72 -1.01 -28.49
CA CYS D 116 11.19 0.34 -28.79
C CYS D 116 12.22 0.26 -29.90
N ARG D 117 12.36 1.35 -30.64
CA ARG D 117 13.31 1.40 -31.73
C ARG D 117 14.32 2.53 -31.58
N SER D 118 14.75 2.74 -30.34
CA SER D 118 15.72 3.77 -30.00
C SER D 118 16.29 3.39 -28.64
N PRO D 119 17.61 3.21 -28.53
CA PRO D 119 18.17 2.85 -27.24
C PRO D 119 17.91 3.86 -26.13
N GLU D 120 17.28 4.98 -26.49
CA GLU D 120 16.96 6.03 -25.51
C GLU D 120 15.52 5.90 -25.01
N GLU D 121 14.67 5.23 -25.77
CA GLU D 121 13.27 5.05 -25.39
C GLU D 121 13.07 4.07 -24.25
N GLN D 122 12.32 4.50 -23.24
CA GLN D 122 12.05 3.67 -22.08
C GLN D 122 10.58 3.27 -22.12
N CYS D 123 10.18 2.40 -21.20
CA CYS D 123 8.79 2.00 -21.13
C CYS D 123 8.05 3.09 -20.40
N LEU D 124 6.92 3.51 -20.95
CA LEU D 124 6.15 4.57 -20.33
C LEU D 124 4.74 4.13 -19.97
N ASP D 125 4.19 4.76 -18.94
CA ASP D 125 2.84 4.50 -18.50
C ASP D 125 2.33 5.87 -18.06
N VAL D 126 1.45 6.46 -18.87
CA VAL D 126 0.94 7.78 -18.53
C VAL D 126 -0.57 7.82 -18.33
N VAL D 127 -0.99 8.44 -17.24
CA VAL D 127 -2.38 8.56 -16.88
C VAL D 127 -2.79 10.02 -16.88
N THR D 128 -3.79 10.33 -17.69
CA THR D 128 -4.28 11.69 -17.81
C THR D 128 -5.79 11.67 -17.60
N HIS D 129 -6.21 11.89 -16.37
CA HIS D 129 -7.63 11.89 -16.08
C HIS D 129 -8.13 13.30 -15.91
N TRP D 130 -9.03 13.67 -16.83
CA TRP D 130 -9.68 14.97 -16.90
C TRP D 130 -9.30 15.89 -15.75
N ASP D 141 -5.17 13.81 -24.15
CA ASP D 141 -6.58 13.47 -24.20
C ASP D 141 -6.80 12.04 -23.74
N ASP D 142 -6.05 11.08 -24.28
CA ASP D 142 -6.20 9.69 -23.87
C ASP D 142 -5.97 9.57 -22.36
N ARG D 143 -6.95 9.02 -21.63
CA ARG D 143 -6.82 8.85 -20.19
C ARG D 143 -5.66 7.91 -19.81
N HIS D 144 -5.47 6.84 -20.58
CA HIS D 144 -4.41 5.88 -20.31
C HIS D 144 -3.61 5.58 -21.57
N LEU D 145 -2.29 5.64 -21.45
CA LEU D 145 -1.37 5.38 -22.56
C LEU D 145 -0.13 4.59 -22.07
N ARG D 146 0.27 3.58 -22.83
CA ARG D 146 1.45 2.77 -22.49
C ARG D 146 2.23 2.46 -23.74
N GLY D 147 3.56 2.55 -23.66
CA GLY D 147 4.37 2.23 -24.81
C GLY D 147 5.82 2.62 -24.67
N CYS D 148 6.41 3.03 -25.78
CA CYS D 148 7.81 3.45 -25.84
C CYS D 148 7.94 4.95 -25.90
N GLY D 149 9.12 5.46 -25.58
CA GLY D 149 9.31 6.89 -25.63
C GLY D 149 10.18 7.45 -24.53
N TYR D 150 10.20 8.76 -24.47
CA TYR D 150 10.96 9.49 -23.48
C TYR D 150 10.21 10.80 -23.30
N LEU D 151 9.84 11.12 -22.07
CA LEU D 151 9.10 12.34 -21.82
C LEU D 151 9.71 13.15 -20.70
N PRO D 152 9.31 14.41 -20.54
CA PRO D 152 9.89 15.20 -19.46
C PRO D 152 9.57 14.54 -18.12
N GLY D 153 10.61 14.38 -17.29
CA GLY D 153 10.46 13.76 -16.00
C GLY D 153 10.45 12.25 -16.11
N CYS D 154 11.09 11.76 -17.16
CA CYS D 154 11.10 10.33 -17.40
C CYS D 154 11.81 9.49 -16.36
N PRO D 155 13.14 9.57 -16.29
CA PRO D 155 13.86 8.77 -15.30
C PRO D 155 13.08 8.69 -13.97
N GLY D 156 12.28 7.64 -13.82
CA GLY D 156 11.49 7.48 -12.60
C GLY D 156 9.99 7.58 -12.81
N SER D 157 9.30 8.29 -11.93
CA SER D 157 7.86 8.46 -12.06
C SER D 157 7.38 9.63 -11.22
N ASN D 158 6.22 10.20 -11.56
CA ASN D 158 5.70 11.33 -10.82
C ASN D 158 4.17 11.34 -10.85
N GLY D 159 3.56 12.01 -9.88
CA GLY D 159 2.12 12.04 -9.84
C GLY D 159 1.55 13.26 -9.16
N PHE D 160 0.33 13.60 -9.52
CA PHE D 160 -0.34 14.76 -8.94
C PHE D 160 -1.85 14.56 -9.01
N HIS D 161 -2.57 15.12 -8.04
CA HIS D 161 -4.02 15.05 -8.08
C HIS D 161 -4.66 16.14 -7.23
N ASN D 162 -5.76 16.70 -7.73
CA ASN D 162 -6.47 17.73 -6.99
C ASN D 162 -7.96 17.64 -7.31
N ASN D 163 -8.73 18.65 -6.92
CA ASN D 163 -10.18 18.64 -7.11
C ASN D 163 -10.76 18.17 -8.44
N ASP D 164 -9.94 18.10 -9.49
CA ASP D 164 -10.45 17.68 -10.78
C ASP D 164 -9.38 17.13 -11.70
N THR D 165 -8.28 16.69 -11.12
CA THR D 165 -7.18 16.18 -11.94
C THR D 165 -6.41 15.06 -11.28
N PHE D 166 -5.91 14.16 -12.10
CA PHE D 166 -5.06 13.08 -11.67
C PHE D 166 -4.07 12.80 -12.79
N HIS D 167 -2.80 13.06 -12.53
CA HIS D 167 -1.78 12.79 -13.51
C HIS D 167 -0.72 11.88 -12.91
N PHE D 168 -0.26 10.94 -13.72
CA PHE D 168 0.77 10.04 -13.28
C PHE D 168 1.60 9.59 -14.47
N LEU D 169 2.92 9.60 -14.30
CA LEU D 169 3.82 9.17 -15.35
C LEU D 169 4.78 8.18 -14.72
N LYS D 170 4.97 7.05 -15.38
CA LYS D 170 5.92 6.07 -14.90
C LYS D 170 6.84 5.80 -16.09
N CYS D 171 8.14 5.97 -15.86
CA CYS D 171 9.14 5.74 -16.88
C CYS D 171 10.21 4.84 -16.28
N CYS D 172 10.47 3.71 -16.91
CA CYS D 172 11.45 2.74 -16.43
C CYS D 172 12.14 2.09 -17.64
N ASN D 173 13.32 1.52 -17.43
CA ASN D 173 14.04 0.90 -18.54
C ASN D 173 14.41 -0.57 -18.38
N THR D 174 13.42 -1.40 -18.08
CA THR D 174 13.63 -2.83 -17.96
C THR D 174 12.45 -3.45 -18.69
N THR D 175 12.70 -4.55 -19.37
CA THR D 175 11.69 -5.24 -20.16
C THR D 175 10.28 -5.25 -19.55
N LYS D 176 9.31 -4.76 -20.32
CA LYS D 176 7.91 -4.70 -19.92
C LYS D 176 7.69 -4.24 -18.48
N CYS D 177 8.51 -3.31 -18.02
CA CYS D 177 8.38 -2.81 -16.65
C CYS D 177 7.12 -1.97 -16.48
N ASN D 178 6.47 -1.63 -17.59
CA ASN D 178 5.26 -0.83 -17.53
C ASN D 178 4.00 -1.67 -17.65
N GLU D 179 4.11 -2.96 -17.35
CA GLU D 179 2.96 -3.87 -17.42
C GLU D 179 2.14 -3.82 -16.12
N GLY D 180 1.02 -4.56 -16.10
CA GLY D 180 0.17 -4.60 -14.93
C GLY D 180 -1.19 -3.93 -15.09
N PRO D 181 -2.02 -3.90 -14.03
CA PRO D 181 -3.35 -3.28 -14.09
C PRO D 181 -3.17 -1.80 -14.30
N ILE D 182 -4.07 -1.16 -15.04
CA ILE D 182 -3.91 0.26 -15.26
C ILE D 182 -4.16 0.98 -13.94
N LEU D 183 -3.36 2.00 -13.68
CA LEU D 183 -3.45 2.76 -12.44
C LEU D 183 -4.62 3.76 -12.39
N GLU D 184 -5.50 3.59 -11.40
CA GLU D 184 -6.61 4.50 -11.22
C GLU D 184 -6.38 5.17 -9.86
N LEU D 185 -6.83 6.42 -9.72
CA LEU D 185 -6.65 7.14 -8.47
C LEU D 185 -7.38 6.46 -7.32
N GLU D 186 -8.47 5.79 -7.62
CA GLU D 186 -9.27 5.12 -6.62
C GLU D 186 -8.58 3.90 -6.02
N ASN D 187 -7.53 3.43 -6.69
CA ASN D 187 -6.77 2.29 -6.21
C ASN D 187 -5.55 2.67 -5.43
N LEU D 188 -5.41 3.96 -5.13
CA LEU D 188 -4.31 4.48 -4.34
C LEU D 188 -4.98 4.87 -3.04
N PRO D 189 -4.47 4.36 -1.92
CA PRO D 189 -5.07 4.68 -0.61
C PRO D 189 -4.80 6.07 -0.10
N GLN D 190 -5.77 6.62 0.63
CA GLN D 190 -5.59 7.93 1.27
C GLN D 190 -4.46 7.70 2.29
N ASN D 191 -3.50 8.62 2.32
CA ASN D 191 -2.36 8.46 3.23
C ASN D 191 -2.48 9.21 4.55
N GLY D 192 -3.45 10.12 4.63
CA GLY D 192 -3.63 10.91 5.86
C GLY D 192 -3.27 12.38 5.68
N ARG D 193 -2.37 12.64 4.74
CA ARG D 193 -1.93 13.99 4.42
C ARG D 193 -3.08 14.73 3.77
N GLN D 194 -3.28 15.99 4.17
CA GLN D 194 -4.34 16.80 3.59
C GLN D 194 -3.74 18.06 3.00
N CYS D 195 -4.08 18.35 1.75
CA CYS D 195 -3.57 19.52 1.05
C CYS D 195 -4.70 20.29 0.40
N TYR D 196 -4.48 21.60 0.22
CA TYR D 196 -5.49 22.44 -0.40
C TYR D 196 -5.48 22.30 -1.90
N SER D 197 -6.68 22.35 -2.48
CA SER D 197 -6.86 22.22 -3.92
C SER D 197 -7.47 23.48 -4.51
N CYS D 198 -7.09 23.79 -5.76
CA CYS D 198 -7.61 24.96 -6.46
C CYS D 198 -6.95 25.05 -7.83
N LYS D 199 -7.45 25.97 -8.66
CA LYS D 199 -6.91 26.20 -9.99
C LYS D 199 -7.41 27.57 -10.47
N GLY D 200 -6.54 28.28 -11.19
CA GLY D 200 -6.88 29.60 -11.70
C GLY D 200 -5.86 30.68 -11.35
N ASN D 201 -6.33 31.78 -10.76
CA ASN D 201 -5.47 32.89 -10.36
C ASN D 201 -5.48 32.91 -8.85
N SER D 202 -4.66 33.77 -8.26
CA SER D 202 -4.63 33.85 -6.82
C SER D 202 -5.90 34.57 -6.35
N THR D 203 -6.54 35.30 -7.26
CA THR D 203 -7.75 36.04 -6.93
C THR D 203 -8.99 35.34 -7.44
N HIS D 204 -8.82 34.59 -8.54
CA HIS D 204 -9.93 33.89 -9.15
C HIS D 204 -9.63 32.41 -9.38
N GLY D 205 -9.97 31.59 -8.40
CA GLY D 205 -9.73 30.16 -8.49
C GLY D 205 -9.00 29.63 -7.27
N CYS D 206 -8.00 30.39 -6.83
CA CYS D 206 -7.17 30.02 -5.69
C CYS D 206 -7.23 31.03 -4.55
N SER D 207 -8.44 31.42 -4.18
CA SER D 207 -8.65 32.35 -3.09
C SER D 207 -8.89 31.53 -1.83
N SER D 208 -8.80 32.16 -0.66
CA SER D 208 -9.02 31.48 0.62
C SER D 208 -10.43 30.88 0.70
N GLU D 209 -11.36 31.43 -0.09
CA GLU D 209 -12.75 30.98 -0.10
C GLU D 209 -13.04 29.97 -1.21
N GLU D 210 -12.06 29.71 -2.06
CA GLU D 210 -12.27 28.78 -3.16
C GLU D 210 -11.45 27.50 -2.96
N THR D 211 -10.33 27.63 -2.27
CA THR D 211 -9.45 26.51 -2.02
C THR D 211 -9.96 25.70 -0.82
N PHE D 212 -9.88 24.38 -0.92
CA PHE D 212 -10.35 23.50 0.16
C PHE D 212 -9.47 22.22 0.27
N LEU D 213 -9.56 21.57 1.42
CA LEU D 213 -8.79 20.35 1.66
C LEU D 213 -9.24 19.10 0.88
N ILE D 214 -8.26 18.32 0.43
CA ILE D 214 -8.54 17.06 -0.24
C ILE D 214 -7.64 16.04 0.46
N ASP D 215 -7.93 14.75 0.29
CA ASP D 215 -7.11 13.71 0.92
C ASP D 215 -6.09 13.19 -0.07
N CYS D 216 -4.83 13.39 0.24
CA CYS D 216 -3.76 12.92 -0.63
C CYS D 216 -3.78 11.41 -0.64
N ARG D 217 -3.43 10.83 -1.79
CA ARG D 217 -3.43 9.38 -1.95
C ARG D 217 -2.09 8.79 -2.35
N GLY D 218 -1.87 7.54 -1.90
CA GLY D 218 -0.66 6.82 -2.23
C GLY D 218 0.65 7.53 -1.95
N PRO D 219 1.53 7.62 -2.96
CA PRO D 219 2.84 8.27 -2.82
C PRO D 219 2.80 9.79 -2.84
N MET D 220 1.65 10.36 -3.20
CA MET D 220 1.51 11.80 -3.27
C MET D 220 1.16 12.41 -1.93
N ASN D 221 2.18 12.84 -1.22
CA ASN D 221 2.01 13.44 0.09
C ASN D 221 2.65 14.82 0.19
N GLN D 222 3.05 15.37 -0.96
CA GLN D 222 3.60 16.71 -1.00
C GLN D 222 2.44 17.65 -1.28
N CYS D 223 2.28 18.68 -0.47
CA CYS D 223 1.23 19.69 -0.69
C CYS D 223 1.90 20.64 -1.69
N LEU D 224 1.42 20.65 -2.92
CA LEU D 224 2.04 21.46 -3.95
C LEU D 224 1.30 22.73 -4.37
N VAL D 225 2.08 23.68 -4.89
CA VAL D 225 1.57 24.95 -5.40
C VAL D 225 2.41 25.21 -6.65
N ALA D 226 1.75 25.31 -7.80
CA ALA D 226 2.43 25.57 -9.06
C ALA D 226 1.90 26.86 -9.68
N THR D 227 2.79 27.83 -9.90
CA THR D 227 2.41 29.10 -10.49
C THR D 227 3.15 29.26 -11.81
N GLY D 228 2.43 29.74 -12.82
CA GLY D 228 3.05 29.91 -14.12
C GLY D 228 2.18 30.66 -15.09
N THR D 229 2.11 30.14 -16.31
CA THR D 229 1.32 30.74 -17.36
C THR D 229 0.59 29.67 -18.15
N HIS D 230 -0.70 29.87 -18.36
CA HIS D 230 -1.54 28.94 -19.09
C HIS D 230 -2.27 29.73 -20.17
N GLU D 231 -3.41 29.21 -20.60
CA GLU D 231 -4.26 29.85 -21.61
C GLU D 231 -3.44 30.29 -22.83
N PRO D 232 -3.99 31.21 -23.67
CA PRO D 232 -3.21 31.63 -24.84
C PRO D 232 -1.95 32.47 -24.52
N LYS D 233 -2.17 33.64 -23.93
CA LYS D 233 -1.09 34.57 -23.59
C LYS D 233 -0.38 34.15 -22.29
N ASN D 234 0.29 35.12 -21.67
CA ASN D 234 1.01 34.88 -20.43
C ASN D 234 0.11 35.00 -19.20
N GLN D 235 -1.10 34.46 -19.29
CA GLN D 235 -2.03 34.52 -18.16
C GLN D 235 -1.43 33.82 -16.97
N SER D 236 -1.35 34.53 -15.84
CA SER D 236 -0.80 33.94 -14.63
C SER D 236 -1.73 32.81 -14.23
N TYR D 237 -1.16 31.63 -14.01
CA TYR D 237 -1.95 30.47 -13.64
C TYR D 237 -1.43 29.95 -12.31
N MET D 238 -2.22 29.08 -11.67
CA MET D 238 -1.85 28.52 -10.39
C MET D 238 -2.64 27.25 -10.16
N VAL D 239 -2.02 26.28 -9.50
CA VAL D 239 -2.69 25.01 -9.22
C VAL D 239 -2.17 24.53 -7.87
N ARG D 240 -3.06 23.92 -7.08
CA ARG D 240 -2.68 23.39 -5.78
C ARG D 240 -3.29 22.01 -5.64
N GLY D 241 -2.58 21.13 -4.94
CA GLY D 241 -3.04 19.78 -4.74
C GLY D 241 -1.99 18.91 -4.08
N CYS D 242 -2.10 17.60 -4.27
CA CYS D 242 -1.17 16.64 -3.70
C CYS D 242 -0.21 16.14 -4.79
N ALA D 243 1.05 15.92 -4.44
CA ALA D 243 2.02 15.47 -5.41
C ALA D 243 3.12 14.56 -4.85
N THR D 244 3.83 13.89 -5.76
CA THR D 244 4.95 13.04 -5.40
C THR D 244 6.14 13.99 -5.25
N ALA D 245 7.22 13.52 -4.66
CA ALA D 245 8.41 14.36 -4.47
C ALA D 245 8.98 14.79 -5.79
N SER D 246 9.03 13.85 -6.73
CA SER D 246 9.58 14.12 -8.04
C SER D 246 8.95 15.33 -8.74
N MET D 247 7.77 15.75 -8.30
CA MET D 247 7.07 16.90 -8.89
C MET D 247 7.54 18.25 -8.36
N CYS D 248 8.35 18.25 -7.32
CA CYS D 248 8.82 19.49 -6.73
C CYS D 248 10.21 19.91 -7.19
N GLN D 249 10.50 19.71 -8.48
CA GLN D 249 11.79 20.08 -9.05
C GLN D 249 11.65 21.20 -10.07
N LEU D 253 7.60 18.56 -15.09
CA LEU D 253 7.44 19.91 -15.63
C LEU D 253 5.97 20.27 -15.83
N GLY D 254 5.75 21.45 -16.42
CA GLY D 254 4.41 21.97 -16.66
C GLY D 254 3.46 21.25 -17.59
N ASP D 255 3.95 20.40 -18.49
CA ASP D 255 3.05 19.69 -19.41
C ASP D 255 1.91 19.00 -18.65
N ALA D 256 2.20 18.53 -17.45
CA ALA D 256 1.19 17.85 -16.65
C ALA D 256 0.13 18.81 -16.12
N PHE D 257 0.50 20.08 -15.92
CA PHE D 257 -0.43 21.10 -15.43
C PHE D 257 -0.90 22.03 -16.56
N SER D 258 -0.53 21.68 -17.80
CA SER D 258 -0.89 22.47 -18.97
C SER D 258 -0.28 23.87 -18.96
N MET D 259 0.71 24.09 -18.11
CA MET D 259 1.37 25.38 -18.01
C MET D 259 2.65 25.43 -18.83
N ASN D 260 3.32 26.57 -18.79
CA ASN D 260 4.57 26.78 -19.51
C ASN D 260 5.69 26.89 -18.47
N HIS D 261 6.07 28.13 -18.14
CA HIS D 261 7.09 28.32 -17.14
C HIS D 261 6.42 28.02 -15.80
N ILE D 262 6.72 26.85 -15.23
CA ILE D 262 6.13 26.45 -13.98
C ILE D 262 7.07 26.66 -12.79
N ASP D 263 6.55 27.27 -11.73
CA ASP D 263 7.33 27.49 -10.51
C ASP D 263 6.60 26.71 -9.42
N VAL D 264 7.18 25.59 -8.98
CA VAL D 264 6.54 24.78 -7.96
C VAL D 264 7.10 24.95 -6.56
N SER D 265 6.21 24.85 -5.59
CA SER D 265 6.56 24.95 -4.19
C SER D 265 5.88 23.76 -3.48
N CYS D 266 6.59 23.10 -2.56
CA CYS D 266 6.03 21.95 -1.83
C CYS D 266 6.35 21.96 -0.36
N CYS D 267 5.50 21.32 0.42
CA CYS D 267 5.66 21.22 1.86
C CYS D 267 4.94 19.93 2.29
N THR D 268 5.40 19.32 3.38
CA THR D 268 4.84 18.06 3.85
C THR D 268 4.19 18.17 5.21
N LYS D 269 3.22 19.06 5.30
CA LYS D 269 2.46 19.28 6.52
C LYS D 269 1.01 19.49 6.02
N SER D 270 0.04 18.81 6.61
CA SER D 270 -1.34 18.96 6.15
C SER D 270 -1.77 20.44 6.13
N GLY D 271 -2.31 20.87 4.99
CA GLY D 271 -2.79 22.23 4.83
C GLY D 271 -1.76 23.34 4.64
N CYS D 272 -0.48 23.00 4.74
CA CYS D 272 0.63 23.96 4.58
C CYS D 272 0.58 24.59 3.19
N ASN D 273 -0.31 24.02 2.39
CA ASN D 273 -0.56 24.37 1.00
C ASN D 273 -1.44 25.62 0.84
N HIS D 274 -2.09 26.02 1.92
CA HIS D 274 -3.00 27.16 1.90
C HIS D 274 -2.38 28.46 1.39
N PRO D 275 -3.18 29.32 0.74
CA PRO D 275 -2.62 30.58 0.24
C PRO D 275 -2.13 31.38 1.45
N ASP D 276 -1.10 30.85 2.10
CA ASP D 276 -0.47 31.41 3.27
C ASP D 276 -1.39 32.31 4.10
#